data_3GCA
# 
_entry.id   3GCA 
# 
_audit_conform.dict_name       mmcif_pdbx.dic 
_audit_conform.dict_version    5.387 
_audit_conform.dict_location   http://mmcif.pdb.org/dictionaries/ascii/mmcif_pdbx.dic 
# 
loop_
_database_2.database_id 
_database_2.database_code 
_database_2.pdbx_database_accession 
_database_2.pdbx_DOI 
PDB   3GCA         pdb_00003gca 10.2210/pdb3gca/pdb 
NDB   UR0186       ?            ?                   
RCSB  RCSB051685   ?            ?                   
WWPDB D_1000051685 ?            ?                   
# 
loop_
_pdbx_audit_revision_history.ordinal 
_pdbx_audit_revision_history.data_content_type 
_pdbx_audit_revision_history.major_revision 
_pdbx_audit_revision_history.minor_revision 
_pdbx_audit_revision_history.revision_date 
1 'Structure model' 1 0 2009-03-03 
2 'Structure model' 1 1 2011-07-13 
3 'Structure model' 1 2 2024-02-21 
# 
_pdbx_audit_revision_details.ordinal             1 
_pdbx_audit_revision_details.revision_ordinal    1 
_pdbx_audit_revision_details.data_content_type   'Structure model' 
_pdbx_audit_revision_details.provider            repository 
_pdbx_audit_revision_details.type                'Initial release' 
_pdbx_audit_revision_details.description         ? 
_pdbx_audit_revision_details.details             ? 
# 
loop_
_pdbx_audit_revision_group.ordinal 
_pdbx_audit_revision_group.revision_ordinal 
_pdbx_audit_revision_group.data_content_type 
_pdbx_audit_revision_group.group 
1 2 'Structure model' 'Version format compliance' 
2 3 'Structure model' 'Data collection'           
3 3 'Structure model' 'Database references'       
4 3 'Structure model' 'Derived calculations'      
# 
loop_
_pdbx_audit_revision_category.ordinal 
_pdbx_audit_revision_category.revision_ordinal 
_pdbx_audit_revision_category.data_content_type 
_pdbx_audit_revision_category.category 
1 3 'Structure model' chem_comp_atom 
2 3 'Structure model' chem_comp_bond 
3 3 'Structure model' database_2     
4 3 'Structure model' struct_site    
# 
loop_
_pdbx_audit_revision_item.ordinal 
_pdbx_audit_revision_item.revision_ordinal 
_pdbx_audit_revision_item.data_content_type 
_pdbx_audit_revision_item.item 
1 3 'Structure model' '_database_2.pdbx_DOI'                
2 3 'Structure model' '_database_2.pdbx_database_accession' 
3 3 'Structure model' '_struct_site.pdbx_auth_asym_id'      
4 3 'Structure model' '_struct_site.pdbx_auth_comp_id'      
5 3 'Structure model' '_struct_site.pdbx_auth_seq_id'       
# 
_pdbx_database_status.status_code                     REL 
_pdbx_database_status.entry_id                        3GCA 
_pdbx_database_status.recvd_initial_deposition_date   2009-02-21 
_pdbx_database_status.deposit_site                    RCSB 
_pdbx_database_status.process_site                    RCSB 
_pdbx_database_status.status_code_sf                  REL 
_pdbx_database_status.status_code_mr                  ? 
_pdbx_database_status.SG_entry                        ? 
_pdbx_database_status.pdb_format_compatible           Y 
_pdbx_database_status.status_code_cs                  ? 
_pdbx_database_status.status_code_nmr_data            ? 
_pdbx_database_status.methods_development_category    ? 
# 
loop_
_audit_author.name 
_audit_author.pdbx_ordinal 
'Spitale, R.C.'  1 
'Wedekind, J.E.' 2 
# 
_citation.id                        primary 
_citation.title                     
'The Structural Basis for Recognition of the PreQ0 Metabolite by an Unusually Small Riboswitch Aptamer Domain.' 
_citation.journal_abbrev            J.Biol.Chem. 
_citation.journal_volume            284 
_citation.page_first                11012 
_citation.page_last                 11016 
_citation.year                      2009 
_citation.journal_id_ASTM           JBCHA3 
_citation.country                   US 
_citation.journal_id_ISSN           0021-9258 
_citation.journal_id_CSD            0071 
_citation.book_publisher            ? 
_citation.pdbx_database_id_PubMed   19261617 
_citation.pdbx_database_id_DOI      10.1074/jbc.C900024200 
# 
loop_
_citation_author.citation_id 
_citation_author.name 
_citation_author.ordinal 
_citation_author.identifier_ORCID 
primary 'Spitale, R.C.'  1 ? 
primary 'Torelli, A.T.'  2 ? 
primary 'Krucinska, J.'  3 ? 
primary 'Bandarian, V.'  4 ? 
primary 'Wedekind, J.E.' 5 ? 
# 
loop_
_entity.id 
_entity.type 
_entity.src_method 
_entity.pdbx_description 
_entity.formula_weight 
_entity.pdbx_number_of_molecules 
_entity.pdbx_ec 
_entity.pdbx_mutation 
_entity.pdbx_fragment 
_entity.details 
1 polymer     syn 'PreQ1 riboswitch'                                                     10599.417 1 ? ? ? ? 
2 non-polymer syn '2-AMINO-4-OXO-4,7-DIHYDRO-3H-PYRROLO[2,3-D]PYRIMIDINE-5-CARBONITRILE' 175.147   1 ? ? ? ? 
3 non-polymer syn 'SULFATE ION'                                                          96.063    2 ? ? ? ? 
# 
_entity_poly.entity_id                      1 
_entity_poly.type                           polyribonucleotide 
_entity_poly.nstd_linkage                   no 
_entity_poly.nstd_monomer                   no 
_entity_poly.pdbx_seq_one_letter_code       CUGGGUCGCAGUAACCCCAGUUAACAAAACAAG 
_entity_poly.pdbx_seq_one_letter_code_can   CUGGGUCGCAGUAACCCCAGUUAACAAAACAAG 
_entity_poly.pdbx_strand_id                 A 
_entity_poly.pdbx_target_identifier         ? 
# 
loop_
_pdbx_entity_nonpoly.entity_id 
_pdbx_entity_nonpoly.name 
_pdbx_entity_nonpoly.comp_id 
2 '2-AMINO-4-OXO-4,7-DIHYDRO-3H-PYRROLO[2,3-D]PYRIMIDINE-5-CARBONITRILE' PQ0 
3 'SULFATE ION'                                                          SO4 
# 
loop_
_entity_poly_seq.entity_id 
_entity_poly_seq.num 
_entity_poly_seq.mon_id 
_entity_poly_seq.hetero 
1 1  C n 
1 2  U n 
1 3  G n 
1 4  G n 
1 5  G n 
1 6  U n 
1 7  C n 
1 8  G n 
1 9  C n 
1 10 A n 
1 11 G n 
1 12 U n 
1 13 A n 
1 14 A n 
1 15 C n 
1 16 C n 
1 17 C n 
1 18 C n 
1 19 A n 
1 20 G n 
1 21 U n 
1 22 U n 
1 23 A n 
1 24 A n 
1 25 C n 
1 26 A n 
1 27 A n 
1 28 A n 
1 29 A n 
1 30 C n 
1 31 A n 
1 32 A n 
1 33 G n 
# 
_pdbx_entity_src_syn.entity_id              1 
_pdbx_entity_src_syn.pdbx_src_id            1 
_pdbx_entity_src_syn.pdbx_alt_source_flag   sample 
_pdbx_entity_src_syn.pdbx_beg_seq_num       ? 
_pdbx_entity_src_syn.pdbx_end_seq_num       ? 
_pdbx_entity_src_syn.organism_scientific    ? 
_pdbx_entity_src_syn.organism_common_name   ? 
_pdbx_entity_src_syn.ncbi_taxonomy_id       ? 
_pdbx_entity_src_syn.details                
;The RNA strand was chemically synthesized based on the sequence of Class I, Type I PreQ1 riboswitch aptamer domain from T. tengcongensis
;
# 
loop_
_chem_comp.id 
_chem_comp.type 
_chem_comp.mon_nstd_flag 
_chem_comp.name 
_chem_comp.pdbx_synonyms 
_chem_comp.formula 
_chem_comp.formula_weight 
A   'RNA linking' y "ADENOSINE-5'-MONOPHOSPHATE"                                           ?                       
'C10 H14 N5 O7 P' 347.221 
C   'RNA linking' y "CYTIDINE-5'-MONOPHOSPHATE"                                            ?                       
'C9 H14 N3 O8 P'  323.197 
G   'RNA linking' y "GUANOSINE-5'-MONOPHOSPHATE"                                           ?                       
'C10 H14 N5 O8 P' 363.221 
PQ0 non-polymer   . '2-AMINO-4-OXO-4,7-DIHYDRO-3H-PYRROLO[2,3-D]PYRIMIDINE-5-CARBONITRILE' 7-DEAZA-7-CYANO-GUANINE 'C7 H5 N5 O' 
175.147 
SO4 non-polymer   . 'SULFATE ION'                                                          ?                       'O4 S -2' 
96.063  
U   'RNA linking' y "URIDINE-5'-MONOPHOSPHATE"                                             ?                       
'C9 H13 N2 O9 P'  324.181 
# 
loop_
_pdbx_poly_seq_scheme.asym_id 
_pdbx_poly_seq_scheme.entity_id 
_pdbx_poly_seq_scheme.seq_id 
_pdbx_poly_seq_scheme.mon_id 
_pdbx_poly_seq_scheme.ndb_seq_num 
_pdbx_poly_seq_scheme.pdb_seq_num 
_pdbx_poly_seq_scheme.auth_seq_num 
_pdbx_poly_seq_scheme.pdb_mon_id 
_pdbx_poly_seq_scheme.auth_mon_id 
_pdbx_poly_seq_scheme.pdb_strand_id 
_pdbx_poly_seq_scheme.pdb_ins_code 
_pdbx_poly_seq_scheme.hetero 
A 1 1  C 1  1  1  C C A . n 
A 1 2  U 2  2  2  U U A . n 
A 1 3  G 3  3  3  G G A . n 
A 1 4  G 4  4  4  G G A . n 
A 1 5  G 5  5  5  G G A . n 
A 1 6  U 6  6  6  U U A . n 
A 1 7  C 7  7  7  C C A . n 
A 1 8  G 8  8  8  G G A . n 
A 1 9  C 9  9  9  C C A . n 
A 1 10 A 10 10 10 A A A . n 
A 1 11 G 11 11 11 G G A . n 
A 1 12 U 12 12 12 U U A . n 
A 1 13 A 13 13 13 A A A . n 
A 1 14 A 14 14 14 A A A . n 
A 1 15 C 15 15 15 C C A . n 
A 1 16 C 16 16 16 C C A . n 
A 1 17 C 17 17 17 C C A . n 
A 1 18 C 18 18 18 C C A . n 
A 1 19 A 19 19 19 A A A . n 
A 1 20 G 20 20 20 G G A . n 
A 1 21 U 21 21 21 U U A . n 
A 1 22 U 22 22 22 U U A . n 
A 1 23 A 23 23 23 A A A . n 
A 1 24 A 24 24 24 A A A . n 
A 1 25 C 25 25 25 C C A . n 
A 1 26 A 26 26 26 A A A . n 
A 1 27 A 27 27 27 A A A . n 
A 1 28 A 28 28 28 A A A . n 
A 1 29 A 29 29 29 A A A . n 
A 1 30 C 30 30 30 C C A . n 
A 1 31 A 31 31 31 A A A . n 
A 1 32 A 32 32 32 A A A . n 
A 1 33 G 33 33 33 G G A . n 
# 
loop_
_pdbx_nonpoly_scheme.asym_id 
_pdbx_nonpoly_scheme.entity_id 
_pdbx_nonpoly_scheme.mon_id 
_pdbx_nonpoly_scheme.ndb_seq_num 
_pdbx_nonpoly_scheme.pdb_seq_num 
_pdbx_nonpoly_scheme.auth_seq_num 
_pdbx_nonpoly_scheme.pdb_mon_id 
_pdbx_nonpoly_scheme.auth_mon_id 
_pdbx_nonpoly_scheme.pdb_strand_id 
_pdbx_nonpoly_scheme.pdb_ins_code 
B 2 PQ0 1 34  1   PQ0 PQ0 A . 
C 3 SO4 1 102 102 SO4 SO4 A . 
D 3 SO4 1 103 103 SO4 SO4 A . 
# 
loop_
_software.name 
_software.classification 
_software.version 
_software.citation_id 
_software.pdbx_ordinal 
HKL-2000  'data collection' .   ? 1 
PHENIX    'model building'  .   ? 2 
CNS       refinement        1.2 ? 3 
DENZO     'data reduction'  .   ? 4 
SCALEPACK 'data scaling'    .   ? 5 
PHENIX    phasing           .   ? 6 
# 
_cell.entry_id           3GCA 
_cell.length_a           110.5 
_cell.length_b           110.5 
_cell.length_c           59.31 
_cell.angle_alpha        90.00 
_cell.angle_beta         90.00 
_cell.angle_gamma        120.00 
_cell.Z_PDB              12 
_cell.pdbx_unique_axis   ? 
_cell.length_a_esd       ? 
_cell.length_b_esd       ? 
_cell.length_c_esd       ? 
_cell.angle_alpha_esd    ? 
_cell.angle_beta_esd     ? 
_cell.angle_gamma_esd    ? 
# 
_symmetry.entry_id                         3GCA 
_symmetry.space_group_name_H-M             'P 63 2 2' 
_symmetry.pdbx_full_space_group_name_H-M   ? 
_symmetry.cell_setting                     ? 
_symmetry.Int_Tables_number                182 
_symmetry.space_group_name_Hall            ? 
# 
_exptl.entry_id          3GCA 
_exptl.method            'X-RAY DIFFRACTION' 
_exptl.crystals_number   1 
# 
_exptl_crystal.id                    1 
_exptl_crystal.density_meas          ? 
_exptl_crystal.density_Matthews      4.93 
_exptl_crystal.density_percent_sol   75.05 
_exptl_crystal.description           ? 
_exptl_crystal.F_000                 ? 
_exptl_crystal.preparation           ? 
# 
_exptl_crystal_grow.crystal_id      1 
_exptl_crystal_grow.method          'VAPOR DIFFUSION, HANGING DROP' 
_exptl_crystal_grow.temp            293 
_exptl_crystal_grow.temp_details    ? 
_exptl_crystal_grow.pH              6.0 
_exptl_crystal_grow.pdbx_details    
;1.8 M Li2SO4, 0.10 M Na-cacodylate pH 6.0, 0.01 M Mg(SO4)2-, 5% (v/v) 1,3-propanediol and 2 mM spermine., VAPOR DIFFUSION, HANGING DROP, temperature 293K
;
_exptl_crystal_grow.pdbx_pH_range   ? 
# 
loop_
_exptl_crystal_grow_comp.crystal_id 
_exptl_crystal_grow_comp.id 
_exptl_crystal_grow_comp.sol_id 
_exptl_crystal_grow_comp.name 
_exptl_crystal_grow_comp.volume 
_exptl_crystal_grow_comp.conc 
_exptl_crystal_grow_comp.details 
1 1 1 Li2SO4          ? ? ? 
1 2 1 Na-cacodylate   ? ? ? 
1 3 1 'Mg(SO4)2'      ? ? ? 
1 4 1 1,3-Propanediol ? ? ? 
1 5 1 Spermine        ? ? ? 
1 6 2 Li2SO4          ? ? ? 
1 7 2 Na-cacodylate   ? ? ? 
1 8 2 'Mg(SO4)2'      ? ? ? 
1 9 2 1,3-Propanediol ? ? ? 
# 
_diffrn.id                     1 
_diffrn.ambient_temp           100 
_diffrn.ambient_temp_details   ? 
_diffrn.crystal_id             1 
# 
_diffrn_detector.diffrn_id              1 
_diffrn_detector.detector               CCD 
_diffrn_detector.type                   'Quantum 315 CCD detector' 
_diffrn_detector.pdbx_collection_date   2009-01-29 
_diffrn_detector.details                
'Vertical focusing mirror; single crystal (Si111) bent monochromator (horizontal focusing).' 
# 
_diffrn_radiation.diffrn_id                        1 
_diffrn_radiation.wavelength_id                    1 
_diffrn_radiation.pdbx_monochromatic_or_laue_m_l   M 
_diffrn_radiation.monochromator                    ? 
_diffrn_radiation.pdbx_diffrn_protocol             MAD 
_diffrn_radiation.pdbx_scattering_type             x-ray 
# 
loop_
_diffrn_radiation_wavelength.id 
_diffrn_radiation_wavelength.wavelength 
_diffrn_radiation_wavelength.wt 
1 1.1395  1.0 
2 1.1407  1.0 
3 0.97622 1.0 
# 
_diffrn_source.diffrn_id                   1 
_diffrn_source.source                      SYNCHROTRON 
_diffrn_source.type                        'SSRL BEAMLINE BL7-1' 
_diffrn_source.pdbx_synchrotron_site       SSRL 
_diffrn_source.pdbx_synchrotron_beamline   BL7-1 
_diffrn_source.pdbx_wavelength             ? 
_diffrn_source.pdbx_wavelength_list        '1.1395, 1.1407, 0.97622, 1.1395' 
# 
_reflns.entry_id                     3GCA 
_reflns.observed_criterion_sigma_I   -3 
_reflns.observed_criterion_sigma_F   0 
_reflns.d_resolution_low             50.00 
_reflns.d_resolution_high            2.75 
_reflns.number_obs                   5990 
_reflns.number_all                   ? 
_reflns.percent_possible_obs         97.6 
_reflns.pdbx_Rmerge_I_obs            ? 
_reflns.pdbx_Rsym_value              0.056 
_reflns.pdbx_netI_over_sigmaI        36.47 
_reflns.B_iso_Wilson_estimate        75 
_reflns.pdbx_redundancy              16.6 
_reflns.R_free_details               ? 
_reflns.limit_h_max                  ? 
_reflns.limit_h_min                  ? 
_reflns.limit_k_max                  ? 
_reflns.limit_k_min                  ? 
_reflns.limit_l_max                  ? 
_reflns.limit_l_min                  ? 
_reflns.observed_criterion_F_max     ? 
_reflns.observed_criterion_F_min     ? 
_reflns.pdbx_chi_squared             ? 
_reflns.pdbx_scaling_rejects         ? 
_reflns.pdbx_diffrn_id               1 
_reflns.pdbx_ordinal                 1 
# 
_reflns_shell.d_res_high             2.75 
_reflns_shell.d_res_low              2.85 
_reflns_shell.percent_possible_all   98.5 
_reflns_shell.Rmerge_I_obs           ? 
_reflns_shell.pdbx_Rsym_value        0.36 
_reflns_shell.meanI_over_sigI_obs    6.5 
_reflns_shell.pdbx_redundancy        15.8 
_reflns_shell.percent_possible_obs   ? 
_reflns_shell.number_unique_all      579 
_reflns_shell.number_measured_all    ? 
_reflns_shell.number_measured_obs    ? 
_reflns_shell.number_unique_obs      ? 
_reflns_shell.pdbx_chi_squared       ? 
_reflns_shell.pdbx_diffrn_id         ? 
_reflns_shell.pdbx_ordinal           1 
# 
_refine.entry_id                                 3GCA 
_refine.ls_number_reflns_obs                     5990 
_refine.ls_number_reflns_all                     ? 
_refine.pdbx_ls_sigma_I                          ? 
_refine.pdbx_ls_sigma_F                          0.0 
_refine.pdbx_data_cutoff_high_absF               303382.60 
_refine.pdbx_data_cutoff_low_absF                0.000000 
_refine.pdbx_data_cutoff_high_rms_absF           ? 
_refine.ls_d_res_low                             28.33 
_refine.ls_d_res_high                            2.75 
_refine.ls_percent_reflns_obs                    93.4 
_refine.ls_R_factor_obs                          ? 
_refine.ls_R_factor_all                          ? 
_refine.ls_R_factor_R_work                       0.245 
_refine.ls_R_factor_R_free                       0.272 
_refine.ls_R_factor_R_free_error                 0.013 
_refine.ls_R_factor_R_free_error_details         ? 
_refine.ls_percent_reflns_R_free                 8.0 
_refine.ls_number_reflns_R_free                  441 
_refine.ls_number_parameters                     ? 
_refine.ls_number_restraints                     ? 
_refine.occupancy_min                            ? 
_refine.occupancy_max                            ? 
_refine.correlation_coeff_Fo_to_Fc               ? 
_refine.correlation_coeff_Fo_to_Fc_free          ? 
_refine.B_iso_mean                               76 
_refine.aniso_B[1][1]                            -21 
_refine.aniso_B[2][2]                            -21 
_refine.aniso_B[3][3]                            42 
_refine.aniso_B[1][2]                            ? 
_refine.aniso_B[1][3]                            ? 
_refine.aniso_B[2][3]                            ? 
_refine.solvent_model_details                    'FLAT MODEL' 
_refine.solvent_model_param_ksol                 0.2 
_refine.solvent_model_param_bsol                 51.0924 
_refine.pdbx_solvent_vdw_probe_radii             ? 
_refine.pdbx_solvent_ion_probe_radii             ? 
_refine.pdbx_solvent_shrinkage_radii             ? 
_refine.pdbx_ls_cross_valid_method               THROUGHOUT 
_refine.details                                  'BULK SOLVENT MODEL USED' 
_refine.pdbx_starting_model                      ? 
_refine.pdbx_method_to_determine_struct          MAD 
_refine.pdbx_isotropic_thermal_model             RESTRAINED 
_refine.pdbx_stereochemistry_target_values       'CNS 1.2' 
_refine.pdbx_stereochem_target_val_spec_case     ? 
_refine.pdbx_R_Free_selection_details            RANDOM 
_refine.pdbx_overall_ESU_R                       ? 
_refine.pdbx_overall_ESU_R_Free                  ? 
_refine.overall_SU_ML                            ? 
_refine.overall_SU_B                             ? 
_refine.ls_redundancy_reflns_obs                 ? 
_refine.B_iso_min                                ? 
_refine.B_iso_max                                ? 
_refine.overall_SU_R_Cruickshank_DPI             ? 
_refine.overall_SU_R_free                        ? 
_refine.ls_wR_factor_R_free                      ? 
_refine.ls_wR_factor_R_work                      ? 
_refine.overall_FOM_free_R_set                   ? 
_refine.overall_FOM_work_R_set                   ? 
_refine.pdbx_overall_phase_error                 ? 
_refine.pdbx_refine_id                           'X-RAY DIFFRACTION' 
_refine.pdbx_diffrn_id                           1 
_refine.pdbx_TLS_residual_ADP_flag               ? 
_refine.pdbx_overall_SU_R_free_Cruickshank_DPI   ? 
_refine.pdbx_overall_SU_R_Blow_DPI               ? 
_refine.pdbx_overall_SU_R_free_Blow_DPI          ? 
# 
_refine_analyze.entry_id                        3GCA 
_refine_analyze.Luzzati_coordinate_error_obs    0.44 
_refine_analyze.Luzzati_sigma_a_obs             0.52 
_refine_analyze.Luzzati_d_res_low_obs           5.00 
_refine_analyze.Luzzati_coordinate_error_free   0.49 
_refine_analyze.Luzzati_sigma_a_free            0.53 
_refine_analyze.Luzzati_d_res_low_free          ? 
_refine_analyze.number_disordered_residues      ? 
_refine_analyze.occupancy_sum_hydrogen          ? 
_refine_analyze.occupancy_sum_non_hydrogen      ? 
_refine_analyze.pdbx_Luzzati_d_res_high_obs     ? 
_refine_analyze.pdbx_refine_id                  'X-RAY DIFFRACTION' 
# 
_refine_hist.pdbx_refine_id                   'X-RAY DIFFRACTION' 
_refine_hist.cycle_id                         LAST 
_refine_hist.pdbx_number_atoms_protein        0 
_refine_hist.pdbx_number_atoms_nucleic_acid   702 
_refine_hist.pdbx_number_atoms_ligand         23 
_refine_hist.number_atoms_solvent             0 
_refine_hist.number_atoms_total               725 
_refine_hist.d_res_high                       2.75 
_refine_hist.d_res_low                        28.33 
# 
loop_
_refine_ls_restr.type 
_refine_ls_restr.dev_ideal 
_refine_ls_restr.dev_ideal_target 
_refine_ls_restr.weight 
_refine_ls_restr.number 
_refine_ls_restr.pdbx_refine_id 
_refine_ls_restr.pdbx_restraint_function 
c_bond_d           0.008 ? ? ? 'X-RAY DIFFRACTION' ? 
c_angle_deg        1.5   ? ? ? 'X-RAY DIFFRACTION' ? 
c_dihedral_angle_d 20.3  ? ? ? 'X-RAY DIFFRACTION' ? 
c_improper_angle_d 1.99  ? ? ? 'X-RAY DIFFRACTION' ? 
# 
_refine_ls_shell.pdbx_total_number_of_bins_used   6 
_refine_ls_shell.d_res_high                       2.75 
_refine_ls_shell.d_res_low                        2.92 
_refine_ls_shell.number_reflns_R_work             728 
_refine_ls_shell.R_factor_R_work                  0.438 
_refine_ls_shell.percent_reflns_obs               83.0 
_refine_ls_shell.R_factor_R_free                  0.487 
_refine_ls_shell.R_factor_R_free_error            0.060 
_refine_ls_shell.percent_reflns_R_free            8.2 
_refine_ls_shell.number_reflns_R_free             65 
_refine_ls_shell.number_reflns_all                ? 
_refine_ls_shell.R_factor_all                     ? 
_refine_ls_shell.number_reflns_obs                ? 
_refine_ls_shell.redundancy_reflns_obs            ? 
_refine_ls_shell.pdbx_refine_id                   'X-RAY DIFFRACTION' 
# 
loop_
_pdbx_xplor_file.serial_no 
_pdbx_xplor_file.param_file 
_pdbx_xplor_file.topol_file 
_pdbx_xplor_file.pdbx_refine_id 
1 dna-rnaATT dna-rnaATT 'X-RAY DIFFRACTION' 
2 pq         pq         'X-RAY DIFFRACTION' 
4 to         ?          'X-RAY DIFFRACTION' 
3 ?          ion.top    'X-RAY DIFFRACTION' 
# 
_struct.entry_id                  3GCA 
_struct.title                     
'The structural basis for recognition of the preQ0 metabolite by an unusually small riboswitch aptamer domain' 
_struct.pdbx_model_details        ? 
_struct.pdbx_CASP_flag            ? 
_struct.pdbx_model_type_details   ? 
# 
_struct_keywords.entry_id        3GCA 
_struct_keywords.pdbx_keywords   RNA 
_struct_keywords.text            'PreQ1, PreQ0, riboswitch, RNA, ribosomal binding site, amptamer, metabolite' 
# 
loop_
_struct_asym.id 
_struct_asym.pdbx_blank_PDB_chainid_flag 
_struct_asym.pdbx_modified 
_struct_asym.entity_id 
_struct_asym.details 
A N N 1 ? 
B N N 2 ? 
C N N 3 ? 
D N N 3 ? 
# 
_struct_ref.id                         1 
_struct_ref.db_name                    PDB 
_struct_ref.db_code                    3GCA 
_struct_ref.pdbx_db_accession          3GCA 
_struct_ref.entity_id                  1 
_struct_ref.pdbx_align_begin           ? 
_struct_ref.pdbx_seq_one_letter_code   CUGGGUCGCAGUAACCCCAGUUAACAAAACAAG 
_struct_ref.pdbx_db_isoform            ? 
# 
_struct_ref_seq.align_id                      1 
_struct_ref_seq.ref_id                        1 
_struct_ref_seq.pdbx_PDB_id_code              3GCA 
_struct_ref_seq.pdbx_strand_id                A 
_struct_ref_seq.seq_align_beg                 1 
_struct_ref_seq.pdbx_seq_align_beg_ins_code   ? 
_struct_ref_seq.seq_align_end                 33 
_struct_ref_seq.pdbx_seq_align_end_ins_code   ? 
_struct_ref_seq.pdbx_db_accession             3GCA 
_struct_ref_seq.db_align_beg                  1 
_struct_ref_seq.pdbx_db_align_beg_ins_code    ? 
_struct_ref_seq.db_align_end                  33 
_struct_ref_seq.pdbx_db_align_end_ins_code    ? 
_struct_ref_seq.pdbx_auth_seq_align_beg       1 
_struct_ref_seq.pdbx_auth_seq_align_end       33 
# 
_pdbx_struct_assembly.id                   1 
_pdbx_struct_assembly.details              author_and_software_defined_assembly 
_pdbx_struct_assembly.method_details       PISA 
_pdbx_struct_assembly.oligomeric_details   monomeric 
_pdbx_struct_assembly.oligomeric_count     1 
# 
_pdbx_struct_assembly_gen.assembly_id       1 
_pdbx_struct_assembly_gen.oper_expression   1 
_pdbx_struct_assembly_gen.asym_id_list      A,B,C,D 
# 
_pdbx_struct_oper_list.id                   1 
_pdbx_struct_oper_list.type                 'identity operation' 
_pdbx_struct_oper_list.name                 1_555 
_pdbx_struct_oper_list.symmetry_operation   x,y,z 
_pdbx_struct_oper_list.matrix[1][1]         1.0000000000 
_pdbx_struct_oper_list.matrix[1][2]         0.0000000000 
_pdbx_struct_oper_list.matrix[1][3]         0.0000000000 
_pdbx_struct_oper_list.vector[1]            0.0000000000 
_pdbx_struct_oper_list.matrix[2][1]         0.0000000000 
_pdbx_struct_oper_list.matrix[2][2]         1.0000000000 
_pdbx_struct_oper_list.matrix[2][3]         0.0000000000 
_pdbx_struct_oper_list.vector[2]            0.0000000000 
_pdbx_struct_oper_list.matrix[3][1]         0.0000000000 
_pdbx_struct_oper_list.matrix[3][2]         0.0000000000 
_pdbx_struct_oper_list.matrix[3][3]         1.0000000000 
_pdbx_struct_oper_list.vector[3]            0.0000000000 
# 
_struct_biol.id        1 
_struct_biol.details   ? 
# 
loop_
_struct_conn.id 
_struct_conn.conn_type_id 
_struct_conn.pdbx_leaving_atom_flag 
_struct_conn.pdbx_PDB_id 
_struct_conn.ptnr1_label_asym_id 
_struct_conn.ptnr1_label_comp_id 
_struct_conn.ptnr1_label_seq_id 
_struct_conn.ptnr1_label_atom_id 
_struct_conn.pdbx_ptnr1_label_alt_id 
_struct_conn.pdbx_ptnr1_PDB_ins_code 
_struct_conn.pdbx_ptnr1_standard_comp_id 
_struct_conn.ptnr1_symmetry 
_struct_conn.ptnr2_label_asym_id 
_struct_conn.ptnr2_label_comp_id 
_struct_conn.ptnr2_label_seq_id 
_struct_conn.ptnr2_label_atom_id 
_struct_conn.pdbx_ptnr2_label_alt_id 
_struct_conn.pdbx_ptnr2_PDB_ins_code 
_struct_conn.ptnr1_auth_asym_id 
_struct_conn.ptnr1_auth_comp_id 
_struct_conn.ptnr1_auth_seq_id 
_struct_conn.ptnr2_auth_asym_id 
_struct_conn.ptnr2_auth_comp_id 
_struct_conn.ptnr2_auth_seq_id 
_struct_conn.ptnr2_symmetry 
_struct_conn.pdbx_ptnr3_label_atom_id 
_struct_conn.pdbx_ptnr3_label_seq_id 
_struct_conn.pdbx_ptnr3_label_comp_id 
_struct_conn.pdbx_ptnr3_label_asym_id 
_struct_conn.pdbx_ptnr3_label_alt_id 
_struct_conn.pdbx_ptnr3_PDB_ins_code 
_struct_conn.details 
_struct_conn.pdbx_dist_value 
_struct_conn.pdbx_value_order 
_struct_conn.pdbx_role 
hydrog1  hydrog ? ? A C 1  N3 ? ? ? 1_555 A G 20 N1 ? ? A C 1  A G 20 1_555 ? ? ? ? ? ? WATSON-CRICK  ? ? ? 
hydrog2  hydrog ? ? A C 1  N4 ? ? ? 1_555 A G 20 O6 ? ? A C 1  A G 20 1_555 ? ? ? ? ? ? WATSON-CRICK  ? ? ? 
hydrog3  hydrog ? ? A C 1  O2 ? ? ? 1_555 A G 20 N2 ? ? A C 1  A G 20 1_555 ? ? ? ? ? ? WATSON-CRICK  ? ? ? 
hydrog4  hydrog ? ? A U 2  N3 ? ? ? 1_555 A A 19 N1 ? ? A U 2  A A 19 1_555 ? ? ? ? ? ? WATSON-CRICK  ? ? ? 
hydrog5  hydrog ? ? A U 2  O4 ? ? ? 1_555 A A 19 N6 ? ? A U 2  A A 19 1_555 ? ? ? ? ? ? WATSON-CRICK  ? ? ? 
hydrog6  hydrog ? ? A G 3  N1 ? ? ? 1_555 A C 18 N3 ? ? A G 3  A C 18 1_555 ? ? ? ? ? ? WATSON-CRICK  ? ? ? 
hydrog7  hydrog ? ? A G 3  N2 ? ? ? 1_555 A C 18 O2 ? ? A G 3  A C 18 1_555 ? ? ? ? ? ? WATSON-CRICK  ? ? ? 
hydrog8  hydrog ? ? A G 3  O6 ? ? ? 1_555 A C 18 N4 ? ? A G 3  A C 18 1_555 ? ? ? ? ? ? WATSON-CRICK  ? ? ? 
hydrog9  hydrog ? ? A G 4  N1 ? ? ? 1_555 A C 17 N3 ? ? A G 4  A C 17 1_555 ? ? ? ? ? ? WATSON-CRICK  ? ? ? 
hydrog10 hydrog ? ? A G 4  N2 ? ? ? 1_555 A C 17 O2 ? ? A G 4  A C 17 1_555 ? ? ? ? ? ? WATSON-CRICK  ? ? ? 
hydrog11 hydrog ? ? A G 4  O6 ? ? ? 1_555 A C 17 N4 ? ? A G 4  A C 17 1_555 ? ? ? ? ? ? WATSON-CRICK  ? ? ? 
hydrog12 hydrog ? ? A G 5  N1 ? ? ? 1_555 A C 16 N3 ? ? A G 5  A C 16 1_555 ? ? ? ? ? ? WATSON-CRICK  ? ? ? 
hydrog13 hydrog ? ? A G 5  N2 ? ? ? 1_555 A C 16 O2 ? ? A G 5  A C 16 1_555 ? ? ? ? ? ? WATSON-CRICK  ? ? ? 
hydrog14 hydrog ? ? A G 5  O6 ? ? ? 1_555 A C 16 N4 ? ? A G 5  A C 16 1_555 ? ? ? ? ? ? WATSON-CRICK  ? ? ? 
hydrog15 hydrog ? ? A G 5  N2 ? ? ? 1_555 A A 27 N1 ? ? A G 5  A A 27 1_555 ? ? ? ? ? ? TYPE_10_PAIR  ? ? ? 
hydrog16 hydrog ? ? A G 5  N3 ? ? ? 1_555 A A 27 N6 ? ? A G 5  A A 27 1_555 ? ? ? ? ? ? TYPE_10_PAIR  ? ? ? 
hydrog17 hydrog ? ? A U 6  N3 ? ? ? 1_555 A A 28 N7 ? ? A U 6  A A 28 1_555 ? ? ? ? ? ? HOOGSTEEN     ? ? ? 
hydrog18 hydrog ? ? A U 6  O4 ? ? ? 1_555 A A 28 N6 ? ? A U 6  A A 28 1_555 ? ? ? ? ? ? HOOGSTEEN     ? ? ? 
hydrog19 hydrog ? ? A U 6  O4 ? ? ? 1_555 A A 29 N6 ? ? A U 6  A A 29 1_555 ? ? ? ? ? ? 'U-A PAIR'    ? ? ? 
hydrog20 hydrog ? ? A C 7  N4 ? ? ? 1_555 A G 11 N7 ? ? A C 7  A G 11 1_555 ? ? ? ? ? ? 'C-G PAIR'    ? ? ? 
hydrog21 hydrog ? ? A C 7  O2 ? ? ? 1_555 A C 30 N4 ? ? A C 7  A C 30 1_555 ? ? ? ? ? ? 'C-C MISPAIR' ? ? ? 
hydrog22 hydrog ? ? A G 8  N2 ? ? ? 1_555 A A 31 N1 ? ? A G 8  A A 31 1_555 ? ? ? ? ? ? TYPE_10_PAIR  ? ? ? 
hydrog23 hydrog ? ? A G 8  N3 ? ? ? 1_555 A A 31 N6 ? ? A G 8  A A 31 1_555 ? ? ? ? ? ? TYPE_10_PAIR  ? ? ? 
hydrog24 hydrog ? ? A C 9  N3 ? ? ? 1_555 A G 33 N1 ? ? A C 9  A G 33 1_555 ? ? ? ? ? ? WATSON-CRICK  ? ? ? 
hydrog25 hydrog ? ? A C 9  N4 ? ? ? 1_555 A G 33 O6 ? ? A C 9  A G 33 1_555 ? ? ? ? ? ? WATSON-CRICK  ? ? ? 
hydrog26 hydrog ? ? A C 9  O2 ? ? ? 1_555 A G 33 N2 ? ? A C 9  A G 33 1_555 ? ? ? ? ? ? WATSON-CRICK  ? ? ? 
hydrog27 hydrog ? ? A A 10 N3 ? ? ? 1_555 A A 32 N6 ? ? A A 10 A A 32 1_555 ? ? ? ? ? ? 'A-A MISPAIR' ? ? ? 
hydrog28 hydrog ? ? A G 11 N2 ? ? ? 1_555 A A 14 N1 ? ? A G 11 A A 14 1_555 ? ? ? ? ? ? TYPE_10_PAIR  ? ? ? 
hydrog29 hydrog ? ? A G 11 N3 ? ? ? 1_555 A A 14 N6 ? ? A G 11 A A 14 1_555 ? ? ? ? ? ? TYPE_10_PAIR  ? ? ? 
hydrog30 hydrog ? ? A G 11 N2 ? ? ? 1_555 A C 15 O2 ? ? A G 11 A C 15 1_555 ? ? ? ? ? ? 'G-C PAIR'    ? ? ? 
hydrog31 hydrog ? ? A G 11 N1 ? ? ? 1_555 A C 30 N3 ? ? A G 11 A C 30 1_555 ? ? ? ? ? ? WATSON-CRICK  ? ? ? 
hydrog32 hydrog ? ? A G 11 N2 ? ? ? 1_555 A C 30 O2 ? ? A G 11 A C 30 1_555 ? ? ? ? ? ? WATSON-CRICK  ? ? ? 
hydrog33 hydrog ? ? A G 11 O6 ? ? ? 1_555 A C 30 N4 ? ? A G 11 A C 30 1_555 ? ? ? ? ? ? WATSON-CRICK  ? ? ? 
hydrog34 hydrog ? ? A A 13 N6 ? ? ? 1_555 A A 31 N3 ? ? A A 13 A A 31 1_555 ? ? ? ? ? ? 'A-A MISPAIR' ? ? ? 
hydrog35 hydrog ? ? A C 17 O2 ? ? ? 1_555 A A 26 N6 ? ? A C 17 A A 26 1_555 ? ? ? ? ? ? 'C-A MISPAIR' ? ? ? 
hydrog36 hydrog ? ? A G 20 N2 ? ? ? 1_555 A U 21 O4 ? ? A G 20 A U 21 1_555 ? ? ? ? ? ? 'G-U MISPAIR' ? ? ? 
# 
_struct_conn_type.id          hydrog 
_struct_conn_type.criteria    ? 
_struct_conn_type.reference   ? 
# 
loop_
_struct_site.id 
_struct_site.pdbx_evidence_code 
_struct_site.pdbx_auth_asym_id 
_struct_site.pdbx_auth_comp_id 
_struct_site.pdbx_auth_seq_id 
_struct_site.pdbx_auth_ins_code 
_struct_site.pdbx_num_residues 
_struct_site.details 
AC1 Software A PQ0 34  ? 7 'BINDING SITE FOR RESIDUE PQ0 A 34'  
AC2 Software A SO4 102 ? 3 'BINDING SITE FOR RESIDUE SO4 A 102' 
AC3 Software A SO4 103 ? 3 'BINDING SITE FOR RESIDUE SO4 A 103' 
# 
loop_
_struct_site_gen.id 
_struct_site_gen.site_id 
_struct_site_gen.pdbx_num_res 
_struct_site_gen.label_comp_id 
_struct_site_gen.label_asym_id 
_struct_site_gen.label_seq_id 
_struct_site_gen.pdbx_auth_ins_code 
_struct_site_gen.auth_comp_id 
_struct_site_gen.auth_asym_id 
_struct_site_gen.auth_seq_id 
_struct_site_gen.label_atom_id 
_struct_site_gen.label_alt_id 
_struct_site_gen.symmetry 
_struct_site_gen.details 
1  AC1 7 G A 5  ? G A 5  . ? 1_555 ? 
2  AC1 7 U A 6  ? U A 6  . ? 1_555 ? 
3  AC1 7 C A 7  ? C A 7  . ? 1_555 ? 
4  AC1 7 G A 11 ? G A 11 . ? 1_555 ? 
5  AC1 7 C A 15 ? C A 15 . ? 1_555 ? 
6  AC1 7 C A 16 ? C A 16 . ? 1_555 ? 
7  AC1 7 A A 29 ? A A 29 . ? 1_555 ? 
8  AC2 3 C A 15 ? C A 15 . ? 1_555 ? 
9  AC2 3 C A 16 ? C A 16 . ? 1_555 ? 
10 AC2 3 C A 17 ? C A 17 . ? 1_555 ? 
11 AC3 3 U A 2  ? U A 2  . ? 1_555 ? 
12 AC3 3 C A 18 ? C A 18 . ? 1_555 ? 
13 AC3 3 A A 19 ? A A 19 . ? 1_555 ? 
# 
loop_
_pdbx_validate_rmsd_angle.id 
_pdbx_validate_rmsd_angle.PDB_model_num 
_pdbx_validate_rmsd_angle.auth_atom_id_1 
_pdbx_validate_rmsd_angle.auth_asym_id_1 
_pdbx_validate_rmsd_angle.auth_comp_id_1 
_pdbx_validate_rmsd_angle.auth_seq_id_1 
_pdbx_validate_rmsd_angle.PDB_ins_code_1 
_pdbx_validate_rmsd_angle.label_alt_id_1 
_pdbx_validate_rmsd_angle.auth_atom_id_2 
_pdbx_validate_rmsd_angle.auth_asym_id_2 
_pdbx_validate_rmsd_angle.auth_comp_id_2 
_pdbx_validate_rmsd_angle.auth_seq_id_2 
_pdbx_validate_rmsd_angle.PDB_ins_code_2 
_pdbx_validate_rmsd_angle.label_alt_id_2 
_pdbx_validate_rmsd_angle.auth_atom_id_3 
_pdbx_validate_rmsd_angle.auth_asym_id_3 
_pdbx_validate_rmsd_angle.auth_comp_id_3 
_pdbx_validate_rmsd_angle.auth_seq_id_3 
_pdbx_validate_rmsd_angle.PDB_ins_code_3 
_pdbx_validate_rmsd_angle.label_alt_id_3 
_pdbx_validate_rmsd_angle.angle_value 
_pdbx_validate_rmsd_angle.angle_target_value 
_pdbx_validate_rmsd_angle.angle_deviation 
_pdbx_validate_rmsd_angle.angle_standard_deviation 
_pdbx_validate_rmsd_angle.linker_flag 
1 1 "C2'" A G 8  ? ? "C3'" A G 8  ? ? "O3'" A G 8  ? ? 126.52 113.70 12.82 1.60 N 
2 1 "C4'" A G 8  ? ? "C3'" A G 8  ? ? "C2'" A G 8  ? ? 109.26 102.60 6.66  1.00 N 
3 1 N9    A G 8  ? ? "C1'" A G 8  ? ? "C2'" A G 8  ? ? 104.94 112.00 -7.06 1.10 N 
4 1 "O4'" A G 20 ? ? "C1'" A G 20 ? ? N9    A G 20 ? ? 113.46 108.50 4.96  0.70 N 
# 
_pdbx_validate_chiral.id              1 
_pdbx_validate_chiral.PDB_model_num   1 
_pdbx_validate_chiral.auth_atom_id    "C3'" 
_pdbx_validate_chiral.label_alt_id    ? 
_pdbx_validate_chiral.auth_asym_id    A 
_pdbx_validate_chiral.auth_comp_id    G 
_pdbx_validate_chiral.auth_seq_id     8 
_pdbx_validate_chiral.PDB_ins_code    ? 
_pdbx_validate_chiral.details         PLANAR 
_pdbx_validate_chiral.omega           . 
# 
loop_
_pdbx_validate_planes.id 
_pdbx_validate_planes.PDB_model_num 
_pdbx_validate_planes.auth_comp_id 
_pdbx_validate_planes.auth_asym_id 
_pdbx_validate_planes.auth_seq_id 
_pdbx_validate_planes.PDB_ins_code 
_pdbx_validate_planes.label_alt_id 
_pdbx_validate_planes.rmsd 
_pdbx_validate_planes.type 
1 1 U A 22 ? ? 0.090 'SIDE CHAIN' 
2 1 A A 31 ? ? 0.065 'SIDE CHAIN' 
# 
loop_
_chem_comp_atom.comp_id 
_chem_comp_atom.atom_id 
_chem_comp_atom.type_symbol 
_chem_comp_atom.pdbx_aromatic_flag 
_chem_comp_atom.pdbx_stereo_config 
_chem_comp_atom.pdbx_ordinal 
A   OP3    O N N 1   
A   P      P N N 2   
A   OP1    O N N 3   
A   OP2    O N N 4   
A   "O5'"  O N N 5   
A   "C5'"  C N N 6   
A   "C4'"  C N R 7   
A   "O4'"  O N N 8   
A   "C3'"  C N S 9   
A   "O3'"  O N N 10  
A   "C2'"  C N R 11  
A   "O2'"  O N N 12  
A   "C1'"  C N R 13  
A   N9     N Y N 14  
A   C8     C Y N 15  
A   N7     N Y N 16  
A   C5     C Y N 17  
A   C6     C Y N 18  
A   N6     N N N 19  
A   N1     N Y N 20  
A   C2     C Y N 21  
A   N3     N Y N 22  
A   C4     C Y N 23  
A   HOP3   H N N 24  
A   HOP2   H N N 25  
A   "H5'"  H N N 26  
A   "H5''" H N N 27  
A   "H4'"  H N N 28  
A   "H3'"  H N N 29  
A   "HO3'" H N N 30  
A   "H2'"  H N N 31  
A   "HO2'" H N N 32  
A   "H1'"  H N N 33  
A   H8     H N N 34  
A   H61    H N N 35  
A   H62    H N N 36  
A   H2     H N N 37  
C   OP3    O N N 38  
C   P      P N N 39  
C   OP1    O N N 40  
C   OP2    O N N 41  
C   "O5'"  O N N 42  
C   "C5'"  C N N 43  
C   "C4'"  C N R 44  
C   "O4'"  O N N 45  
C   "C3'"  C N S 46  
C   "O3'"  O N N 47  
C   "C2'"  C N R 48  
C   "O2'"  O N N 49  
C   "C1'"  C N R 50  
C   N1     N N N 51  
C   C2     C N N 52  
C   O2     O N N 53  
C   N3     N N N 54  
C   C4     C N N 55  
C   N4     N N N 56  
C   C5     C N N 57  
C   C6     C N N 58  
C   HOP3   H N N 59  
C   HOP2   H N N 60  
C   "H5'"  H N N 61  
C   "H5''" H N N 62  
C   "H4'"  H N N 63  
C   "H3'"  H N N 64  
C   "HO3'" H N N 65  
C   "H2'"  H N N 66  
C   "HO2'" H N N 67  
C   "H1'"  H N N 68  
C   H41    H N N 69  
C   H42    H N N 70  
C   H5     H N N 71  
C   H6     H N N 72  
G   OP3    O N N 73  
G   P      P N N 74  
G   OP1    O N N 75  
G   OP2    O N N 76  
G   "O5'"  O N N 77  
G   "C5'"  C N N 78  
G   "C4'"  C N R 79  
G   "O4'"  O N N 80  
G   "C3'"  C N S 81  
G   "O3'"  O N N 82  
G   "C2'"  C N R 83  
G   "O2'"  O N N 84  
G   "C1'"  C N R 85  
G   N9     N Y N 86  
G   C8     C Y N 87  
G   N7     N Y N 88  
G   C5     C Y N 89  
G   C6     C N N 90  
G   O6     O N N 91  
G   N1     N N N 92  
G   C2     C N N 93  
G   N2     N N N 94  
G   N3     N N N 95  
G   C4     C Y N 96  
G   HOP3   H N N 97  
G   HOP2   H N N 98  
G   "H5'"  H N N 99  
G   "H5''" H N N 100 
G   "H4'"  H N N 101 
G   "H3'"  H N N 102 
G   "HO3'" H N N 103 
G   "H2'"  H N N 104 
G   "HO2'" H N N 105 
G   "H1'"  H N N 106 
G   H8     H N N 107 
G   H1     H N N 108 
G   H21    H N N 109 
G   H22    H N N 110 
PQ0 N1     N Y N 111 
PQ0 C2     C Y N 112 
PQ0 N3     N Y N 113 
PQ0 C4     C Y N 114 
PQ0 C5     C Y N 115 
PQ0 C6     C Y N 116 
PQ0 O6     O N N 117 
PQ0 C7     C Y N 118 
PQ0 C10    C N N 119 
PQ0 N11    N N N 120 
PQ0 C8     C Y N 121 
PQ0 N9     N Y N 122 
PQ0 N2     N N N 123 
PQ0 HN1    H N N 124 
PQ0 H8     H N N 125 
PQ0 HN9    H N N 126 
PQ0 HN21   H N N 127 
PQ0 HN22   H N N 128 
SO4 S      S N N 129 
SO4 O1     O N N 130 
SO4 O2     O N N 131 
SO4 O3     O N N 132 
SO4 O4     O N N 133 
U   OP3    O N N 134 
U   P      P N N 135 
U   OP1    O N N 136 
U   OP2    O N N 137 
U   "O5'"  O N N 138 
U   "C5'"  C N N 139 
U   "C4'"  C N R 140 
U   "O4'"  O N N 141 
U   "C3'"  C N S 142 
U   "O3'"  O N N 143 
U   "C2'"  C N R 144 
U   "O2'"  O N N 145 
U   "C1'"  C N R 146 
U   N1     N N N 147 
U   C2     C N N 148 
U   O2     O N N 149 
U   N3     N N N 150 
U   C4     C N N 151 
U   O4     O N N 152 
U   C5     C N N 153 
U   C6     C N N 154 
U   HOP3   H N N 155 
U   HOP2   H N N 156 
U   "H5'"  H N N 157 
U   "H5''" H N N 158 
U   "H4'"  H N N 159 
U   "H3'"  H N N 160 
U   "HO3'" H N N 161 
U   "H2'"  H N N 162 
U   "HO2'" H N N 163 
U   "H1'"  H N N 164 
U   H3     H N N 165 
U   H5     H N N 166 
U   H6     H N N 167 
# 
loop_
_chem_comp_bond.comp_id 
_chem_comp_bond.atom_id_1 
_chem_comp_bond.atom_id_2 
_chem_comp_bond.value_order 
_chem_comp_bond.pdbx_aromatic_flag 
_chem_comp_bond.pdbx_stereo_config 
_chem_comp_bond.pdbx_ordinal 
A   OP3   P      sing N N 1   
A   OP3   HOP3   sing N N 2   
A   P     OP1    doub N N 3   
A   P     OP2    sing N N 4   
A   P     "O5'"  sing N N 5   
A   OP2   HOP2   sing N N 6   
A   "O5'" "C5'"  sing N N 7   
A   "C5'" "C4'"  sing N N 8   
A   "C5'" "H5'"  sing N N 9   
A   "C5'" "H5''" sing N N 10  
A   "C4'" "O4'"  sing N N 11  
A   "C4'" "C3'"  sing N N 12  
A   "C4'" "H4'"  sing N N 13  
A   "O4'" "C1'"  sing N N 14  
A   "C3'" "O3'"  sing N N 15  
A   "C3'" "C2'"  sing N N 16  
A   "C3'" "H3'"  sing N N 17  
A   "O3'" "HO3'" sing N N 18  
A   "C2'" "O2'"  sing N N 19  
A   "C2'" "C1'"  sing N N 20  
A   "C2'" "H2'"  sing N N 21  
A   "O2'" "HO2'" sing N N 22  
A   "C1'" N9     sing N N 23  
A   "C1'" "H1'"  sing N N 24  
A   N9    C8     sing Y N 25  
A   N9    C4     sing Y N 26  
A   C8    N7     doub Y N 27  
A   C8    H8     sing N N 28  
A   N7    C5     sing Y N 29  
A   C5    C6     sing Y N 30  
A   C5    C4     doub Y N 31  
A   C6    N6     sing N N 32  
A   C6    N1     doub Y N 33  
A   N6    H61    sing N N 34  
A   N6    H62    sing N N 35  
A   N1    C2     sing Y N 36  
A   C2    N3     doub Y N 37  
A   C2    H2     sing N N 38  
A   N3    C4     sing Y N 39  
C   OP3   P      sing N N 40  
C   OP3   HOP3   sing N N 41  
C   P     OP1    doub N N 42  
C   P     OP2    sing N N 43  
C   P     "O5'"  sing N N 44  
C   OP2   HOP2   sing N N 45  
C   "O5'" "C5'"  sing N N 46  
C   "C5'" "C4'"  sing N N 47  
C   "C5'" "H5'"  sing N N 48  
C   "C5'" "H5''" sing N N 49  
C   "C4'" "O4'"  sing N N 50  
C   "C4'" "C3'"  sing N N 51  
C   "C4'" "H4'"  sing N N 52  
C   "O4'" "C1'"  sing N N 53  
C   "C3'" "O3'"  sing N N 54  
C   "C3'" "C2'"  sing N N 55  
C   "C3'" "H3'"  sing N N 56  
C   "O3'" "HO3'" sing N N 57  
C   "C2'" "O2'"  sing N N 58  
C   "C2'" "C1'"  sing N N 59  
C   "C2'" "H2'"  sing N N 60  
C   "O2'" "HO2'" sing N N 61  
C   "C1'" N1     sing N N 62  
C   "C1'" "H1'"  sing N N 63  
C   N1    C2     sing N N 64  
C   N1    C6     sing N N 65  
C   C2    O2     doub N N 66  
C   C2    N3     sing N N 67  
C   N3    C4     doub N N 68  
C   C4    N4     sing N N 69  
C   C4    C5     sing N N 70  
C   N4    H41    sing N N 71  
C   N4    H42    sing N N 72  
C   C5    C6     doub N N 73  
C   C5    H5     sing N N 74  
C   C6    H6     sing N N 75  
G   OP3   P      sing N N 76  
G   OP3   HOP3   sing N N 77  
G   P     OP1    doub N N 78  
G   P     OP2    sing N N 79  
G   P     "O5'"  sing N N 80  
G   OP2   HOP2   sing N N 81  
G   "O5'" "C5'"  sing N N 82  
G   "C5'" "C4'"  sing N N 83  
G   "C5'" "H5'"  sing N N 84  
G   "C5'" "H5''" sing N N 85  
G   "C4'" "O4'"  sing N N 86  
G   "C4'" "C3'"  sing N N 87  
G   "C4'" "H4'"  sing N N 88  
G   "O4'" "C1'"  sing N N 89  
G   "C3'" "O3'"  sing N N 90  
G   "C3'" "C2'"  sing N N 91  
G   "C3'" "H3'"  sing N N 92  
G   "O3'" "HO3'" sing N N 93  
G   "C2'" "O2'"  sing N N 94  
G   "C2'" "C1'"  sing N N 95  
G   "C2'" "H2'"  sing N N 96  
G   "O2'" "HO2'" sing N N 97  
G   "C1'" N9     sing N N 98  
G   "C1'" "H1'"  sing N N 99  
G   N9    C8     sing Y N 100 
G   N9    C4     sing Y N 101 
G   C8    N7     doub Y N 102 
G   C8    H8     sing N N 103 
G   N7    C5     sing Y N 104 
G   C5    C6     sing N N 105 
G   C5    C4     doub Y N 106 
G   C6    O6     doub N N 107 
G   C6    N1     sing N N 108 
G   N1    C2     sing N N 109 
G   N1    H1     sing N N 110 
G   C2    N2     sing N N 111 
G   C2    N3     doub N N 112 
G   N2    H21    sing N N 113 
G   N2    H22    sing N N 114 
G   N3    C4     sing N N 115 
PQ0 N1    C2     sing Y N 116 
PQ0 N1    C6     sing Y N 117 
PQ0 N1    HN1    sing N N 118 
PQ0 C2    N3     doub Y N 119 
PQ0 C2    N2     sing N N 120 
PQ0 N3    C4     sing Y N 121 
PQ0 C4    C5     doub Y N 122 
PQ0 C4    N9     sing Y N 123 
PQ0 C5    C6     sing Y N 124 
PQ0 C5    C7     sing Y N 125 
PQ0 C6    O6     doub N N 126 
PQ0 C7    C10    sing N N 127 
PQ0 C7    C8     doub Y N 128 
PQ0 C10   N11    trip N N 129 
PQ0 C8    N9     sing Y N 130 
PQ0 C8    H8     sing N N 131 
PQ0 N9    HN9    sing N N 132 
PQ0 N2    HN21   sing N N 133 
PQ0 N2    HN22   sing N N 134 
SO4 S     O1     doub N N 135 
SO4 S     O2     doub N N 136 
SO4 S     O3     sing N N 137 
SO4 S     O4     sing N N 138 
U   OP3   P      sing N N 139 
U   OP3   HOP3   sing N N 140 
U   P     OP1    doub N N 141 
U   P     OP2    sing N N 142 
U   P     "O5'"  sing N N 143 
U   OP2   HOP2   sing N N 144 
U   "O5'" "C5'"  sing N N 145 
U   "C5'" "C4'"  sing N N 146 
U   "C5'" "H5'"  sing N N 147 
U   "C5'" "H5''" sing N N 148 
U   "C4'" "O4'"  sing N N 149 
U   "C4'" "C3'"  sing N N 150 
U   "C4'" "H4'"  sing N N 151 
U   "O4'" "C1'"  sing N N 152 
U   "C3'" "O3'"  sing N N 153 
U   "C3'" "C2'"  sing N N 154 
U   "C3'" "H3'"  sing N N 155 
U   "O3'" "HO3'" sing N N 156 
U   "C2'" "O2'"  sing N N 157 
U   "C2'" "C1'"  sing N N 158 
U   "C2'" "H2'"  sing N N 159 
U   "O2'" "HO2'" sing N N 160 
U   "C1'" N1     sing N N 161 
U   "C1'" "H1'"  sing N N 162 
U   N1    C2     sing N N 163 
U   N1    C6     sing N N 164 
U   C2    O2     doub N N 165 
U   C2    N3     sing N N 166 
U   N3    C4     sing N N 167 
U   N3    H3     sing N N 168 
U   C4    O4     doub N N 169 
U   C4    C5     sing N N 170 
U   C5    C6     doub N N 171 
U   C5    H5     sing N N 172 
U   C6    H6     sing N N 173 
# 
loop_
_ndb_struct_conf_na.entry_id 
_ndb_struct_conf_na.feature 
3GCA 'double helix'        
3GCA 'a-form double helix' 
3GCA 'bulge loop'          
3GCA 'quadruple helix'     
# 
loop_
_ndb_struct_na_base_pair.model_number 
_ndb_struct_na_base_pair.i_label_asym_id 
_ndb_struct_na_base_pair.i_label_comp_id 
_ndb_struct_na_base_pair.i_label_seq_id 
_ndb_struct_na_base_pair.i_symmetry 
_ndb_struct_na_base_pair.j_label_asym_id 
_ndb_struct_na_base_pair.j_label_comp_id 
_ndb_struct_na_base_pair.j_label_seq_id 
_ndb_struct_na_base_pair.j_symmetry 
_ndb_struct_na_base_pair.shear 
_ndb_struct_na_base_pair.stretch 
_ndb_struct_na_base_pair.stagger 
_ndb_struct_na_base_pair.buckle 
_ndb_struct_na_base_pair.propeller 
_ndb_struct_na_base_pair.opening 
_ndb_struct_na_base_pair.pair_number 
_ndb_struct_na_base_pair.pair_name 
_ndb_struct_na_base_pair.i_auth_asym_id 
_ndb_struct_na_base_pair.i_auth_seq_id 
_ndb_struct_na_base_pair.i_PDB_ins_code 
_ndb_struct_na_base_pair.j_auth_asym_id 
_ndb_struct_na_base_pair.j_auth_seq_id 
_ndb_struct_na_base_pair.j_PDB_ins_code 
_ndb_struct_na_base_pair.hbond_type_28 
_ndb_struct_na_base_pair.hbond_type_12 
1 A C 1  1_555 A G 20 1_555 0.313  -0.317 -0.186 -1.009  -1.016  -2.852  1  A_C1:G20_A  A 1  ? A 20 ? 19 1 
1 A U 2  1_555 A A 19 1_555 0.327  -0.403 0.079  -3.776  -9.379  -1.038  2  A_U2:A19_A  A 2  ? A 19 ? 20 1 
1 A G 3  1_555 A C 18 1_555 0.049  -0.502 0.318  -3.814  -10.619 -2.756  3  A_G3:C18_A  A 3  ? A 18 ? 19 1 
1 A G 4  1_555 A C 17 1_555 -0.025 -0.302 0.345  -4.583  -11.931 -1.807  4  A_G4:C17_A  A 4  ? A 17 ? 19 1 
1 A G 5  1_555 A C 16 1_555 0.166  -0.147 -0.032 -9.634  -11.244 -2.467  5  A_G5:C16_A  A 5  ? A 16 ? 19 1 
1 A U 6  1_555 A A 28 1_555 -0.223 2.393  1.135  -31.696 -1.751  -78.965 6  A_U6:A28_A  A 6  ? A 28 ? 23 3 
1 A C 30 1_555 A G 11 1_555 0.075  -0.473 0.418  10.403  -16.977 -1.457  7  A_C30:G11_A A 30 ? A 11 ? 19 1 
1 A A 31 1_555 A G 8  1_555 -3.402 3.409  0.609  -14.812 -9.930  74.796  8  A_A31:G8_A  A 31 ? A 8  ? 10 6 
1 A A 32 1_555 A A 10 1_555 -6.474 -3.193 -0.051 10.932  -28.024 -12.131 9  A_A32:A10_A A 32 ? A 10 ? ?  6 
1 A G 33 1_555 A C 9  1_555 0.379  -0.415 0.087  -5.870  -3.632  -10.372 10 A_G33:C9_A  A 33 ? A 9  ? 19 1 
# 
loop_
_ndb_struct_na_base_pair_step.model_number 
_ndb_struct_na_base_pair_step.i_label_asym_id_1 
_ndb_struct_na_base_pair_step.i_label_comp_id_1 
_ndb_struct_na_base_pair_step.i_label_seq_id_1 
_ndb_struct_na_base_pair_step.i_symmetry_1 
_ndb_struct_na_base_pair_step.j_label_asym_id_1 
_ndb_struct_na_base_pair_step.j_label_comp_id_1 
_ndb_struct_na_base_pair_step.j_label_seq_id_1 
_ndb_struct_na_base_pair_step.j_symmetry_1 
_ndb_struct_na_base_pair_step.i_label_asym_id_2 
_ndb_struct_na_base_pair_step.i_label_comp_id_2 
_ndb_struct_na_base_pair_step.i_label_seq_id_2 
_ndb_struct_na_base_pair_step.i_symmetry_2 
_ndb_struct_na_base_pair_step.j_label_asym_id_2 
_ndb_struct_na_base_pair_step.j_label_comp_id_2 
_ndb_struct_na_base_pair_step.j_label_seq_id_2 
_ndb_struct_na_base_pair_step.j_symmetry_2 
_ndb_struct_na_base_pair_step.shift 
_ndb_struct_na_base_pair_step.slide 
_ndb_struct_na_base_pair_step.rise 
_ndb_struct_na_base_pair_step.tilt 
_ndb_struct_na_base_pair_step.roll 
_ndb_struct_na_base_pair_step.twist 
_ndb_struct_na_base_pair_step.x_displacement 
_ndb_struct_na_base_pair_step.y_displacement 
_ndb_struct_na_base_pair_step.helical_rise 
_ndb_struct_na_base_pair_step.inclination 
_ndb_struct_na_base_pair_step.tip 
_ndb_struct_na_base_pair_step.helical_twist 
_ndb_struct_na_base_pair_step.step_number 
_ndb_struct_na_base_pair_step.step_name 
_ndb_struct_na_base_pair_step.i_auth_asym_id_1 
_ndb_struct_na_base_pair_step.i_auth_seq_id_1 
_ndb_struct_na_base_pair_step.i_PDB_ins_code_1 
_ndb_struct_na_base_pair_step.j_auth_asym_id_1 
_ndb_struct_na_base_pair_step.j_auth_seq_id_1 
_ndb_struct_na_base_pair_step.j_PDB_ins_code_1 
_ndb_struct_na_base_pair_step.i_auth_asym_id_2 
_ndb_struct_na_base_pair_step.i_auth_seq_id_2 
_ndb_struct_na_base_pair_step.i_PDB_ins_code_2 
_ndb_struct_na_base_pair_step.j_auth_asym_id_2 
_ndb_struct_na_base_pair_step.j_auth_seq_id_2 
_ndb_struct_na_base_pair_step.j_PDB_ins_code_2 
1 A C 1  1_555 A G 20 1_555 A U 2  1_555 A A 19 1_555 0.557  -1.810 3.118 0.483  8.492  33.297  -4.246 -0.876 2.599  14.526  
-0.826  34.337  1 AA_C1U2:A19G20_AA  A 1  ? A 20 ? A 2  ? A 19 ? 
1 A U 2  1_555 A A 19 1_555 A G 3  1_555 A C 18 1_555 -0.405 -1.732 2.905 1.722  8.666  30.633  -4.443 0.994  2.315  15.990  
-3.177  31.853  2 AA_U2G3:C18A19_AA  A 2  ? A 19 ? A 3  ? A 18 ? 
1 A G 3  1_555 A C 18 1_555 A G 4  1_555 A C 17 1_555 0.760  -1.716 3.012 1.809  7.005  28.150  -4.754 -1.171 2.562  14.110  
-3.645  29.047  3 AA_G3G4:C17C18_AA  A 3  ? A 18 ? A 4  ? A 17 ? 
1 A G 4  1_555 A C 17 1_555 A G 5  1_555 A C 16 1_555 0.248  -1.828 3.303 5.388  6.598  36.115  -3.730 0.309  2.941  10.464  
-8.546  37.073  4 AA_G4G5:C16C17_AA  A 4  ? A 17 ? A 5  ? A 16 ? 
1 A G 5  1_555 A C 16 1_555 A U 6  1_555 A A 28 1_555 -6.107 0.007  1.831 11.386 -0.225 32.544  0.021  10.764 -0.231 -0.387  
-19.585 34.428  5 AA_G5U6:A28C16_AA  A 5  ? A 16 ? A 6  ? A 28 ? 
1 A U 6  1_555 A A 28 1_555 A C 30 1_555 A G 11 1_555 0.337  -3.293 4.990 5.694  4.485  103.755 -2.187 -0.092 4.896  2.848   
-3.616  103.935 6 AA_U6C30:G11A28_AA A 6  ? A 28 ? A 30 ? A 11 ? 
1 A C 30 1_555 A G 11 1_555 A A 31 1_555 A G 8  1_555 1.174  -3.578 3.192 3.857  8.805  -6.411  0.025  13.611 4.107  -51.641 
22.618  -11.550 7 AA_C30A31:G8G11_AA A 30 ? A 11 ? A 31 ? A 8  ? 
1 A A 31 1_555 A G 8  1_555 A A 32 1_555 A A 10 1_555 -3.766 3.074  3.102 -7.270 -3.028 42.937  4.431  4.363  3.450  -4.095  9.833 
43.620  8 AA_A31A32:A10G8_AA A 31 ? A 8  ? A 32 ? A 10 ? 
1 A A 32 1_555 A A 10 1_555 A G 33 1_555 A C 9  1_555 1.135  -1.181 3.996 -4.052 9.905  57.532  -1.824 -1.414 3.685  10.194  4.170 
58.435  9 AA_A32G33:C9A10_AA A 32 ? A 10 ? A 33 ? A 9  ? 
# 
_atom_sites.entry_id                    3GCA 
_atom_sites.fract_transf_matrix[1][1]   0.00097828 
_atom_sites.fract_transf_matrix[1][2]   -0.00933502 
_atom_sites.fract_transf_matrix[1][3]   0.00459386 
_atom_sites.fract_transf_matrix[2][1]   0.00487362 
_atom_sites.fract_transf_matrix[2][2]   -0.00778851 
_atom_sites.fract_transf_matrix[2][3]   -0.00497890 
_atom_sites.fract_transf_matrix[3][1]   0.01466539 
_atom_sites.fract_transf_matrix[3][2]   0.00486000 
_atom_sites.fract_transf_matrix[3][3]   0.00675278 
_atom_sites.fract_transf_vector[1]      0.495459 
_atom_sites.fract_transf_vector[2]      0.368730 
_atom_sites.fract_transf_vector[3]      0.461535 
# 
loop_
_atom_type.symbol 
C 
N 
O 
P 
S 
# 
loop_
_atom_site.group_PDB 
_atom_site.id 
_atom_site.type_symbol 
_atom_site.label_atom_id 
_atom_site.label_alt_id 
_atom_site.label_comp_id 
_atom_site.label_asym_id 
_atom_site.label_entity_id 
_atom_site.label_seq_id 
_atom_site.pdbx_PDB_ins_code 
_atom_site.Cartn_x 
_atom_site.Cartn_y 
_atom_site.Cartn_z 
_atom_site.occupancy 
_atom_site.B_iso_or_equiv 
_atom_site.pdbx_formal_charge 
_atom_site.auth_seq_id 
_atom_site.auth_comp_id 
_atom_site.auth_asym_id 
_atom_site.auth_atom_id 
_atom_site.pdbx_PDB_model_num 
ATOM   1   O "O5'" . C   A 1 1  ? 2.863   -9.729  -12.008 1.00 73.51  ? 1   C   A "O5'" 1 
ATOM   2   C "C5'" . C   A 1 1  ? 3.693   -10.879 -11.851 1.00 71.28  ? 1   C   A "C5'" 1 
ATOM   3   C "C4'" . C   A 1 1  ? 5.021   -10.756 -11.123 1.00 69.05  ? 1   C   A "C4'" 1 
ATOM   4   O "O4'" . C   A 1 1  ? 5.783   -9.634  -11.637 1.00 67.62  ? 1   C   A "O4'" 1 
ATOM   5   C "C3'" . C   A 1 1  ? 5.016   -10.461 -9.638  1.00 68.53  ? 1   C   A "C3'" 1 
ATOM   6   O "O3'" . C   A 1 1  ? 4.753   -11.608 -8.873  1.00 71.10  ? 1   C   A "O3'" 1 
ATOM   7   C "C2'" . C   A 1 1  ? 6.459   -10.044 -9.409  1.00 66.92  ? 1   C   A "C2'" 1 
ATOM   8   O "O2'" . C   A 1 1  ? 7.345   -11.142 -9.370  1.00 68.60  ? 1   C   A "O2'" 1 
ATOM   9   C "C1'" . C   A 1 1  ? 6.732   -9.227  -10.664 1.00 63.60  ? 1   C   A "C1'" 1 
ATOM   10  N N1    . C   A 1 1  ? 6.584   -7.790  -10.406 1.00 56.96  ? 1   C   A N1    1 
ATOM   11  C C2    . C   A 1 1  ? 7.612   -7.142  -9.753  1.00 55.96  ? 1   C   A C2    1 
ATOM   12  O O2    . C   A 1 1  ? 8.591   -7.813  -9.390  1.00 57.30  ? 1   C   A O2    1 
ATOM   13  N N3    . C   A 1 1  ? 7.525   -5.805  -9.527  1.00 53.66  ? 1   C   A N3    1 
ATOM   14  C C4    . C   A 1 1  ? 6.447   -5.134  -9.929  1.00 53.35  ? 1   C   A C4    1 
ATOM   15  N N4    . C   A 1 1  ? 6.405   -3.814  -9.701  1.00 50.53  ? 1   C   A N4    1 
ATOM   16  C C5    . C   A 1 1  ? 5.367   -5.782  -10.583 1.00 54.60  ? 1   C   A C5    1 
ATOM   17  C C6    . C   A 1 1  ? 5.475   -7.100  -10.798 1.00 55.90  ? 1   C   A C6    1 
ATOM   18  P P     . U   A 1 2  ? 4.204   -11.435 -7.385  1.00 75.42  ? 2   U   A P     1 
ATOM   19  O OP1   . U   A 1 2  ? 3.992   -12.805 -6.842  1.00 75.75  ? 2   U   A OP1   1 
ATOM   20  O OP2   . U   A 1 2  ? 3.080   -10.451 -7.416  1.00 73.17  ? 2   U   A OP2   1 
ATOM   21  O "O5'" . U   A 1 2  ? 5.430   -10.790 -6.606  1.00 73.20  ? 2   U   A "O5'" 1 
ATOM   22  C "C5'" . U   A 1 2  ? 6.625   -11.540 -6.421  1.00 72.56  ? 2   U   A "C5'" 1 
ATOM   23  C "C4'" . U   A 1 2  ? 7.666   -10.716 -5.719  1.00 71.17  ? 2   U   A "C4'" 1 
ATOM   24  O "O4'" . U   A 1 2  ? 8.042   -9.598  -6.559  1.00 69.60  ? 2   U   A "O4'" 1 
ATOM   25  C "C3'" . U   A 1 2  ? 7.258   -10.048 -4.422  1.00 70.31  ? 2   U   A "C3'" 1 
ATOM   26  O "O3'" . U   A 1 2  ? 7.298   -10.967 -3.336  1.00 70.52  ? 2   U   A "O3'" 1 
ATOM   27  C "C2'" . U   A 1 2  ? 8.355   -9.000  -4.295  1.00 69.43  ? 2   U   A "C2'" 1 
ATOM   28  O "O2'" . U   A 1 2  ? 9.583   -9.560  -3.874  1.00 70.90  ? 2   U   A "O2'" 1 
ATOM   29  C "C1'" . U   A 1 2  ? 8.492   -8.530  -5.741  1.00 66.58  ? 2   U   A "C1'" 1 
ATOM   30  N N1    . U   A 1 2  ? 7.653   -7.352  -5.999  1.00 62.46  ? 2   U   A N1    1 
ATOM   31  C C2    . U   A 1 2  ? 8.117   -6.135  -5.544  1.00 62.24  ? 2   U   A C2    1 
ATOM   32  O O2    . U   A 1 2  ? 9.159   -6.016  -4.927  1.00 64.14  ? 2   U   A O2    1 
ATOM   33  N N3    . U   A 1 2  ? 7.317   -5.062  -5.828  1.00 59.19  ? 2   U   A N3    1 
ATOM   34  C C4    . U   A 1 2  ? 6.124   -5.077  -6.494  1.00 59.62  ? 2   U   A C4    1 
ATOM   35  O O4    . U   A 1 2  ? 5.490   -4.027  -6.624  1.00 61.63  ? 2   U   A O4    1 
ATOM   36  C C5    . U   A 1 2  ? 5.700   -6.372  -6.920  1.00 59.15  ? 2   U   A C5    1 
ATOM   37  C C6    . U   A 1 2  ? 6.459   -7.443  -6.664  1.00 60.95  ? 2   U   A C6    1 
ATOM   38  P P     . G   A 1 3  ? 6.482   -10.650 -1.982  1.00 70.19  ? 3   G   A P     1 
ATOM   39  O OP1   . G   A 1 3  ? 6.598   -11.909 -1.194  1.00 70.90  ? 3   G   A OP1   1 
ATOM   40  O OP2   . G   A 1 3  ? 5.134   -10.082 -2.294  1.00 67.30  ? 3   G   A OP2   1 
ATOM   41  O "O5'" . G   A 1 3  ? 7.310   -9.486  -1.268  1.00 69.70  ? 3   G   A "O5'" 1 
ATOM   42  C "C5'" . G   A 1 3  ? 8.695   -9.639  -0.948  1.00 68.07  ? 3   G   A "C5'" 1 
ATOM   43  C "C4'" . G   A 1 3  ? 9.224   -8.357  -0.349  1.00 67.17  ? 3   G   A "C4'" 1 
ATOM   44  O "O4'" . G   A 1 3  ? 9.336   -7.332  -1.362  1.00 65.56  ? 3   G   A "O4'" 1 
ATOM   45  C "C3'" . G   A 1 3  ? 8.274   -7.738  0.647   1.00 67.30  ? 3   G   A "C3'" 1 
ATOM   46  O "O3'" . G   A 1 3  ? 8.454   -8.313  1.910   1.00 70.71  ? 3   G   A "O3'" 1 
ATOM   47  C "C2'" . G   A 1 3  ? 8.687   -6.278  0.665   1.00 65.19  ? 3   G   A "C2'" 1 
ATOM   48  O "O2'" . G   A 1 3  ? 9.807   -6.018  1.478   1.00 66.12  ? 3   G   A "O2'" 1 
ATOM   49  C "C1'" . G   A 1 3  ? 9.067   -6.067  -0.788  1.00 62.73  ? 3   G   A "C1'" 1 
ATOM   50  N N9    . G   A 1 3  ? 7.955   -5.454  -1.515  1.00 56.94  ? 3   G   A N9    1 
ATOM   51  C C8    . G   A 1 3  ? 6.990   -6.079  -2.236  1.00 55.30  ? 3   G   A C8    1 
ATOM   52  N N7    . G   A 1 3  ? 6.147   -5.236  -2.776  1.00 52.31  ? 3   G   A N7    1 
ATOM   53  C C5    . G   A 1 3  ? 6.603   -4.003  -2.378  1.00 49.38  ? 3   G   A C5    1 
ATOM   54  C C6    . G   A 1 3  ? 6.117   -2.712  -2.661  1.00 49.83  ? 3   G   A C6    1 
ATOM   55  O O6    . G   A 1 3  ? 5.144   -2.398  -3.343  1.00 51.11  ? 3   G   A O6    1 
ATOM   56  N N1    . G   A 1 3  ? 6.880   -1.726  -2.060  1.00 48.69  ? 3   G   A N1    1 
ATOM   57  C C2    . G   A 1 3  ? 7.979   -1.948  -1.279  1.00 51.73  ? 3   G   A C2    1 
ATOM   58  N N2    . G   A 1 3  ? 8.599   -0.829  -0.792  1.00 55.46  ? 3   G   A N2    1 
ATOM   59  N N3    . G   A 1 3  ? 8.441   -3.157  -1.001  1.00 49.09  ? 3   G   A N3    1 
ATOM   60  C C4    . G   A 1 3  ? 7.720   -4.116  -1.580  1.00 51.19  ? 3   G   A C4    1 
ATOM   61  P P     . G   A 1 4  ? 7.279   -8.206  2.970   1.00 72.67  ? 4   G   A P     1 
ATOM   62  O OP1   . G   A 1 4  ? 7.468   -9.311  3.934   1.00 73.31  ? 4   G   A OP1   1 
ATOM   63  O OP2   . G   A 1 4  ? 5.990   -8.056  2.227   1.00 71.94  ? 4   G   A OP2   1 
ATOM   64  O "O5'" . G   A 1 4  ? 7.570   -6.837  3.699   1.00 67.67  ? 4   G   A "O5'" 1 
ATOM   65  C "C5'" . G   A 1 4  ? 6.517   -5.974  4.004   1.00 64.93  ? 4   G   A "C5'" 1 
ATOM   66  C "C4'" . G   A 1 4  ? 6.990   -4.577  3.851   1.00 64.53  ? 4   G   A "C4'" 1 
ATOM   67  O "O4'" . G   A 1 4  ? 7.286   -4.306  2.467   1.00 64.87  ? 4   G   A "O4'" 1 
ATOM   68  C "C3'" . G   A 1 4  ? 5.972   -3.538  4.233   1.00 65.00  ? 4   G   A "C3'" 1 
ATOM   69  O "O3'" . G   A 1 4  ? 6.059   -3.379  5.630   1.00 68.28  ? 4   G   A "O3'" 1 
ATOM   70  C "C2'" . G   A 1 4  ? 6.441   -2.316  3.457   1.00 63.01  ? 4   G   A "C2'" 1 
ATOM   71  O "O2'" . G   A 1 4  ? 7.494   -1.604  4.071   1.00 63.98  ? 4   G   A "O2'" 1 
ATOM   72  C "C1'" . G   A 1 4  ? 6.929   -2.966  2.164   1.00 62.43  ? 4   G   A "C1'" 1 
ATOM   73  N N9    . G   A 1 4  ? 5.874   -3.005  1.178   1.00 57.80  ? 4   G   A N9    1 
ATOM   74  C C8    . G   A 1 4  ? 5.316   -4.128  0.617   1.00 58.41  ? 4   G   A C8    1 
ATOM   75  N N7    . G   A 1 4  ? 4.377   -3.861  -0.237  1.00 56.01  ? 4   G   A N7    1 
ATOM   76  C C5    . G   A 1 4  ? 4.298   -2.472  -0.239  1.00 53.14  ? 4   G   A C5    1 
ATOM   77  C C6    . G   A 1 4  ? 3.453   -1.618  -0.962  1.00 52.51  ? 4   G   A C6    1 
ATOM   78  O O6    . G   A 1 4  ? 2.524   -1.913  -1.720  1.00 55.15  ? 4   G   A O6    1 
ATOM   79  N N1    . G   A 1 4  ? 3.750   -0.284  -0.708  1.00 49.56  ? 4   G   A N1    1 
ATOM   80  C C2    . G   A 1 4  ? 4.702   0.151   0.171   1.00 53.70  ? 4   G   A C2    1 
ATOM   81  N N2    . G   A 1 4  ? 4.825   1.494   0.294   1.00 55.08  ? 4   G   A N2    1 
ATOM   82  N N3    . G   A 1 4  ? 5.474   -0.651  0.882   1.00 55.11  ? 4   G   A N3    1 
ATOM   83  C C4    . G   A 1 4  ? 5.223   -1.946  0.618   1.00 54.76  ? 4   G   A C4    1 
ATOM   84  P P     . G   A 1 5  ? 4.720   -3.253  6.493   1.00 69.32  ? 5   G   A P     1 
ATOM   85  O OP1   . G   A 1 5  ? 5.108   -3.268  7.931   1.00 70.11  ? 5   G   A OP1   1 
ATOM   86  O OP2   . G   A 1 5  ? 3.788   -4.283  5.965   1.00 67.29  ? 5   G   A OP2   1 
ATOM   87  O "O5'" . G   A 1 5  ? 4.195   -1.797  6.133   1.00 66.51  ? 5   G   A "O5'" 1 
ATOM   88  C "C5'" . G   A 1 5  ? 4.992   -0.663  6.413   1.00 68.76  ? 5   G   A "C5'" 1 
ATOM   89  C "C4'" . G   A 1 5  ? 4.431   0.545   5.708   1.00 71.08  ? 5   G   A "C4'" 1 
ATOM   90  O "O4'" . G   A 1 5  ? 4.437   0.300   4.280   1.00 72.58  ? 5   G   A "O4'" 1 
ATOM   91  C "C3'" . G   A 1 5  ? 2.978   0.894   5.995   1.00 71.96  ? 5   G   A "C3'" 1 
ATOM   92  O "O3'" . G   A 1 5  ? 2.870   1.687   7.171   1.00 74.11  ? 5   G   A "O3'" 1 
ATOM   93  C "C2'" . G   A 1 5  ? 2.593   1.723   4.774   1.00 71.52  ? 5   G   A "C2'" 1 
ATOM   94  O "O2'" . G   A 1 5  ? 3.034   3.067   4.876   1.00 72.80  ? 5   G   A "O2'" 1 
ATOM   95  C "C1'" . G   A 1 5  ? 3.372   1.013   3.671   1.00 70.05  ? 5   G   A "C1'" 1 
ATOM   96  N N9    . G   A 1 5  ? 2.568   0.093   2.864   1.00 65.79  ? 5   G   A N9    1 
ATOM   97  C C8    . G   A 1 5  ? 2.576   -1.278  2.879   1.00 65.96  ? 5   G   A C8    1 
ATOM   98  N N7    . G   A 1 5  ? 1.805   -1.805  1.958   1.00 64.32  ? 5   G   A N7    1 
ATOM   99  C C5    . G   A 1 5  ? 1.247   -0.713  1.313   1.00 62.75  ? 5   G   A C5    1 
ATOM   100 C C6    . G   A 1 5  ? 0.349   -0.640  0.191   1.00 62.82  ? 5   G   A C6    1 
ATOM   101 O O6    . G   A 1 5  ? -0.148  -1.571  -0.477  1.00 64.57  ? 5   G   A O6    1 
ATOM   102 N N1    . G   A 1 5  ? 0.042   0.683   -0.126  1.00 61.49  ? 5   G   A N1    1 
ATOM   103 C C2    . G   A 1 5  ? 0.528   1.789   0.536   1.00 61.99  ? 5   G   A C2    1 
ATOM   104 N N2    . G   A 1 5  ? 0.107   2.991   0.080   1.00 61.82  ? 5   G   A N2    1 
ATOM   105 N N3    . G   A 1 5  ? 1.359   1.730   1.563   1.00 60.80  ? 5   G   A N3    1 
ATOM   106 C C4    . G   A 1 5  ? 1.679   0.467   1.887   1.00 63.01  ? 5   G   A C4    1 
ATOM   107 P P     . U   A 1 6  ? 1.503   1.676   8.015   1.00 74.85  ? 6   U   A P     1 
ATOM   108 O OP1   . U   A 1 6  ? 1.849   1.299   9.411   1.00 74.77  ? 6   U   A OP1   1 
ATOM   109 O OP2   . U   A 1 6  ? 0.531   0.849   7.254   1.00 74.03  ? 6   U   A OP2   1 
ATOM   110 O "O5'" . U   A 1 6  ? 1.057   3.206   8.042   1.00 71.52  ? 6   U   A "O5'" 1 
ATOM   111 C "C5'" . U   A 1 6  ? 1.783   4.137   8.832   1.00 73.59  ? 6   U   A "C5'" 1 
ATOM   112 C "C4'" . U   A 1 6  ? 1.436   5.548   8.443   1.00 75.65  ? 6   U   A "C4'" 1 
ATOM   113 O "O4'" . U   A 1 6  ? 1.783   5.768   7.059   1.00 76.70  ? 6   U   A "O4'" 1 
ATOM   114 C "C3'" . U   A 1 6  ? -0.035  5.900   8.504   1.00 76.83  ? 6   U   A "C3'" 1 
ATOM   115 O "O3'" . U   A 1 6  ? -0.388  6.230   9.830   1.00 79.22  ? 6   U   A "O3'" 1 
ATOM   116 C "C2'" . U   A 1 6  ? -0.120  7.089   7.557   1.00 75.90  ? 6   U   A "C2'" 1 
ATOM   117 O "O2'" . U   A 1 6  ? 0.346   8.312   8.083   1.00 76.80  ? 6   U   A "O2'" 1 
ATOM   118 C "C1'" . U   A 1 6  ? 0.845   6.648   6.468   1.00 74.54  ? 6   U   A "C1'" 1 
ATOM   119 N N1    . U   A 1 6  ? 0.108   5.891   5.469   1.00 70.84  ? 6   U   A N1    1 
ATOM   120 C C2    . U   A 1 6  ? -0.595  6.608   4.537   1.00 70.05  ? 6   U   A C2    1 
ATOM   121 O O2    . U   A 1 6  ? -0.609  7.829   4.512   1.00 70.43  ? 6   U   A O2    1 
ATOM   122 N N3    . U   A 1 6  ? -1.277  5.849   3.634   1.00 69.12  ? 6   U   A N3    1 
ATOM   123 C C4    . U   A 1 6  ? -1.314  4.478   3.580   1.00 69.68  ? 6   U   A C4    1 
ATOM   124 O O4    . U   A 1 6  ? -1.963  3.934   2.694   1.00 69.85  ? 6   U   A O4    1 
ATOM   125 C C5    . U   A 1 6  ? -0.548  3.813   4.593   1.00 70.15  ? 6   U   A C5    1 
ATOM   126 C C6    . U   A 1 6  ? 0.118   4.530   5.479   1.00 69.64  ? 6   U   A C6    1 
ATOM   127 P P     . C   A 1 7  ? -1.656  5.524   10.502  1.00 81.40  ? 7   C   A P     1 
ATOM   128 O OP1   . C   A 1 7  ? -1.815  6.063   11.893  1.00 80.43  ? 7   C   A OP1   1 
ATOM   129 O OP2   . C   A 1 7  ? -1.518  4.056   10.278  1.00 78.53  ? 7   C   A OP2   1 
ATOM   130 O "O5'" . C   A 1 7  ? -2.864  6.065   9.625   1.00 80.15  ? 7   C   A "O5'" 1 
ATOM   131 C "C5'" . C   A 1 7  ? -3.013  7.457   9.406   1.00 81.57  ? 7   C   A "C5'" 1 
ATOM   132 C "C4'" . C   A 1 7  ? -3.786  7.698   8.136   1.00 82.94  ? 7   C   A "C4'" 1 
ATOM   133 O "O4'" . C   A 1 7  ? -3.094  7.033   7.048   1.00 83.17  ? 7   C   A "O4'" 1 
ATOM   134 C "C3'" . C   A 1 7  ? -5.179  7.090   8.076   1.00 84.45  ? 7   C   A "C3'" 1 
ATOM   135 O "O3'" . C   A 1 7  ? -6.125  7.935   8.703   1.00 87.29  ? 7   C   A "O3'" 1 
ATOM   136 C "C2'" . C   A 1 7  ? -5.419  7.007   6.576   1.00 82.82  ? 7   C   A "C2'" 1 
ATOM   137 O "O2'" . C   A 1 7  ? -5.750  8.239   5.977   1.00 84.32  ? 7   C   A "O2'" 1 
ATOM   138 C "C1'" . C   A 1 7  ? -4.038  6.588   6.091   1.00 80.96  ? 7   C   A "C1'" 1 
ATOM   139 N N1    . C   A 1 7  ? -3.978  5.138   5.989   1.00 76.83  ? 7   C   A N1    1 
ATOM   140 C C2    . C   A 1 7  ? -4.666  4.556   4.961   1.00 76.48  ? 7   C   A C2    1 
ATOM   141 O O2    . C   A 1 7  ? -5.289  5.295   4.178   1.00 79.11  ? 7   C   A O2    1 
ATOM   142 N N3    . C   A 1 7  ? -4.653  3.212   4.827   1.00 75.20  ? 7   C   A N3    1 
ATOM   143 C C4    . C   A 1 7  ? -3.974  2.465   5.692   1.00 74.10  ? 7   C   A C4    1 
ATOM   144 N N4    . C   A 1 7  ? -3.987  1.137   5.509   1.00 75.24  ? 7   C   A N4    1 
ATOM   145 C C5    . C   A 1 7  ? -3.254  3.042   6.772   1.00 73.85  ? 7   C   A C5    1 
ATOM   146 C C6    . C   A 1 7  ? -3.280  4.373   6.879   1.00 75.53  ? 7   C   A C6    1 
ATOM   147 P P     . G   A 1 8  ? -7.090  7.345   9.839   1.00 87.51  ? 8   G   A P     1 
ATOM   148 O OP1   . G   A 1 8  ? -8.490  7.736   9.491   1.00 86.55  ? 8   G   A OP1   1 
ATOM   149 O OP2   . G   A 1 8  ? -6.514  7.740   11.154  1.00 86.51  ? 8   G   A OP2   1 
ATOM   150 O "O5'" . G   A 1 8  ? -6.962  5.770   9.688   1.00 85.07  ? 8   G   A "O5'" 1 
ATOM   151 C "C5'" . G   A 1 8  ? -8.129  4.983   9.688   1.00 84.90  ? 8   G   A "C5'" 1 
ATOM   152 C "C4'" . G   A 1 8  ? -8.941  5.295   8.454   1.00 83.80  ? 8   G   A "C4'" 1 
ATOM   153 O "O4'" . G   A 1 8  ? -8.154  5.005   7.278   1.00 83.12  ? 8   G   A "O4'" 1 
ATOM   154 C "C3'" . G   A 1 8  ? -10.194 4.488   8.262   1.00 85.14  ? 8   G   A "C3'" 1 
ATOM   155 O "O3'" . G   A 1 8  ? -11.442 4.971   8.622   1.00 89.43  ? 8   G   A "O3'" 1 
ATOM   156 C "C2'" . G   A 1 8  ? -9.912  3.351   7.314   1.00 83.23  ? 8   G   A "C2'" 1 
ATOM   157 O "O2'" . G   A 1 8  ? -10.942 3.295   6.352   1.00 83.52  ? 8   G   A "O2'" 1 
ATOM   158 C "C1'" . G   A 1 8  ? -8.579  3.778   6.689   1.00 80.88  ? 8   G   A "C1'" 1 
ATOM   159 N N9    . G   A 1 8  ? -7.621  2.781   7.134   1.00 77.16  ? 8   G   A N9    1 
ATOM   160 C C8    . G   A 1 8  ? -6.712  2.943   8.155   1.00 75.71  ? 8   G   A C8    1 
ATOM   161 N N7    . G   A 1 8  ? -6.040  1.864   8.427   1.00 73.90  ? 8   G   A N7    1 
ATOM   162 C C5    . G   A 1 8  ? -6.518  0.926   7.520   1.00 72.71  ? 8   G   A C5    1 
ATOM   163 C C6    . G   A 1 8  ? -6.178  -0.430  7.347   1.00 73.29  ? 8   G   A C6    1 
ATOM   164 O O6    . G   A 1 8  ? -5.389  -1.121  8.009   1.00 77.36  ? 8   G   A O6    1 
ATOM   165 N N1    . G   A 1 8  ? -6.875  -0.996  6.282   1.00 71.50  ? 8   G   A N1    1 
ATOM   166 C C2    . G   A 1 8  ? -7.790  -0.349  5.502   1.00 71.66  ? 8   G   A C2    1 
ATOM   167 N N2    . G   A 1 8  ? -8.328  -1.085  4.508   1.00 71.81  ? 8   G   A N2    1 
ATOM   168 N N3    . G   A 1 8  ? -8.145  0.913   5.674   1.00 71.19  ? 8   G   A N3    1 
ATOM   169 C C4    . G   A 1 8  ? -7.470  1.490   6.696   1.00 73.31  ? 8   G   A C4    1 
ATOM   170 P P     . C   A 1 9  ? -11.936 4.690   10.101  1.00 91.18  ? 9   C   A P     1 
ATOM   171 O OP1   . C   A 1 9  ? -13.344 5.139   10.242  1.00 92.41  ? 9   C   A OP1   1 
ATOM   172 O OP2   . C   A 1 9  ? -10.891 5.216   11.024  1.00 88.18  ? 9   C   A OP2   1 
ATOM   173 O "O5'" . C   A 1 9  ? -11.849 3.113   10.209  1.00 88.34  ? 9   C   A "O5'" 1 
ATOM   174 C "C5'" . C   A 1 9  ? -11.826 2.516   11.483  1.00 86.64  ? 9   C   A "C5'" 1 
ATOM   175 C "C4'" . C   A 1 9  ? -12.409 1.146   11.396  1.00 85.71  ? 9   C   A "C4'" 1 
ATOM   176 O "O4'" . C   A 1 9  ? -13.750 1.242   10.856  1.00 84.29  ? 9   C   A "O4'" 1 
ATOM   177 C "C3'" . C   A 1 9  ? -11.722 0.267   10.374  1.00 87.39  ? 9   C   A "C3'" 1 
ATOM   178 O "O3'" . C   A 1 9  ? -10.545 -0.294  10.903  1.00 90.23  ? 9   C   A "O3'" 1 
ATOM   179 C "C2'" . C   A 1 9  ? -12.780 -0.786  10.107  1.00 85.45  ? 9   C   A "C2'" 1 
ATOM   180 O "O2'" . C   A 1 9  ? -12.888 -1.730  11.152  1.00 87.49  ? 9   C   A "O2'" 1 
ATOM   181 C "C1'" . C   A 1 9  ? -14.036 0.074   10.108  1.00 82.69  ? 9   C   A "C1'" 1 
ATOM   182 N N1    . C   A 1 9  ? -14.450 0.463   8.755   1.00 78.61  ? 9   C   A N1    1 
ATOM   183 C C2    . C   A 1 9  ? -14.851 -0.551  7.880   1.00 77.54  ? 9   C   A C2    1 
ATOM   184 O O2    . C   A 1 9  ? -14.715 -1.725  8.238   1.00 77.93  ? 9   C   A O2    1 
ATOM   185 N N3    . C   A 1 9  ? -15.353 -0.225  6.672   1.00 75.36  ? 9   C   A N3    1 
ATOM   186 C C4    . C   A 1 9  ? -15.426 1.054   6.314   1.00 75.66  ? 9   C   A C4    1 
ATOM   187 N N4    . C   A 1 9  ? -15.953 1.330   5.132   1.00 74.11  ? 9   C   A N4    1 
ATOM   188 C C5    . C   A 1 9  ? -14.962 2.110   7.163   1.00 76.51  ? 9   C   A C5    1 
ATOM   189 C C6    . C   A 1 9  ? -14.484 1.771   8.365   1.00 77.93  ? 9   C   A C6    1 
ATOM   190 P P     . A   A 1 10 ? -9.204  -0.273  10.030  1.00 90.17  ? 10  A   A P     1 
ATOM   191 O OP1   . A   A 1 10 ? -8.133  -0.830  10.891  1.00 91.16  ? 10  A   A OP1   1 
ATOM   192 O OP2   . A   A 1 10 ? -9.077  1.105   9.496   1.00 89.91  ? 10  A   A OP2   1 
ATOM   193 O "O5'" . A   A 1 10 ? -9.488  -1.325  8.873   1.00 85.90  ? 10  A   A "O5'" 1 
ATOM   194 C "C5'" . A   A 1 10 ? -9.789  -2.664  9.201   1.00 82.52  ? 10  A   A "C5'" 1 
ATOM   195 C "C4'" . A   A 1 10 ? -10.573 -3.290  8.088   1.00 82.98  ? 10  A   A "C4'" 1 
ATOM   196 O "O4'" . A   A 1 10 ? -11.726 -2.455  7.827   1.00 81.97  ? 10  A   A "O4'" 1 
ATOM   197 C "C3'" . A   A 1 10 ? -9.851  -3.360  6.755   1.00 84.26  ? 10  A   A "C3'" 1 
ATOM   198 O "O3'" . A   A 1 10 ? -9.058  -4.543  6.695   1.00 88.32  ? 10  A   A "O3'" 1 
ATOM   199 C "C2'" . A   A 1 10 ? -11.003 -3.370  5.749   1.00 81.97  ? 10  A   A "C2'" 1 
ATOM   200 O "O2'" . A   A 1 10 ? -11.588 -4.643  5.536   1.00 81.11  ? 10  A   A "O2'" 1 
ATOM   201 C "C1'" . A   A 1 10 ? -12.017 -2.458  6.440   1.00 79.82  ? 10  A   A "C1'" 1 
ATOM   202 N N9    . A   A 1 10 ? -12.038 -1.074  5.962   1.00 75.89  ? 10  A   A N9    1 
ATOM   203 C C8    . A   A 1 10 ? -11.562 0.052   6.586   1.00 74.94  ? 10  A   A C8    1 
ATOM   204 N N7    . A   A 1 10 ? -11.765 1.161   5.911   1.00 73.57  ? 10  A   A N7    1 
ATOM   205 C C5    . A   A 1 10 ? -12.414 0.738   4.757   1.00 71.62  ? 10  A   A C5    1 
ATOM   206 C C6    . A   A 1 10 ? -12.914 1.439   3.616   1.00 70.69  ? 10  A   A C6    1 
ATOM   207 N N6    . A   A 1 10 ? -12.849 2.768   3.461   1.00 71.49  ? 10  A   A N6    1 
ATOM   208 N N1    . A   A 1 10 ? -13.488 0.707   2.639   1.00 69.76  ? 10  A   A N1    1 
ATOM   209 C C2    . A   A 1 10 ? -13.563 -0.622  2.805   1.00 71.33  ? 10  A   A C2    1 
ATOM   210 N N3    . A   A 1 10 ? -13.148 -1.386  3.820   1.00 72.01  ? 10  A   A N3    1 
ATOM   211 C C4    . A   A 1 10 ? -12.576 -0.638  4.772   1.00 72.75  ? 10  A   A C4    1 
ATOM   212 P P     . G   A 1 11 ? -7.479  -4.433  6.394   1.00 90.26  ? 11  G   A P     1 
ATOM   213 O OP1   . G   A 1 11 ? -6.821  -5.732  6.727   1.00 90.74  ? 11  G   A OP1   1 
ATOM   214 O OP2   . G   A 1 11 ? -6.989  -3.177  7.007   1.00 86.67  ? 11  G   A OP2   1 
ATOM   215 O "O5'" . G   A 1 11 ? -7.399  -4.294  4.819   1.00 87.59  ? 11  G   A "O5'" 1 
ATOM   216 C "C5'" . G   A 1 11 ? -7.640  -5.430  4.008   1.00 88.17  ? 11  G   A "C5'" 1 
ATOM   217 C "C4'" . G   A 1 11 ? -6.984  -5.246  2.679   1.00 88.92  ? 11  G   A "C4'" 1 
ATOM   218 O "O4'" . G   A 1 11 ? -7.401  -3.946  2.220   1.00 86.77  ? 11  G   A "O4'" 1 
ATOM   219 C "C3'" . G   A 1 11 ? -5.464  -5.172  2.702   1.00 90.71  ? 11  G   A "C3'" 1 
ATOM   220 O "O3'" . G   A 1 11 ? -4.856  -6.436  2.440   1.00 98.37  ? 11  G   A "O3'" 1 
ATOM   221 C "C2'" . G   A 1 11 ? -5.161  -4.283  1.496   1.00 87.79  ? 11  G   A "C2'" 1 
ATOM   222 O "O2'" . G   A 1 11 ? -5.116  -4.963  0.254   1.00 88.44  ? 11  G   A "O2'" 1 
ATOM   223 C "C1'" . G   A 1 11 ? -6.359  -3.342  1.492   1.00 83.36  ? 11  G   A "C1'" 1 
ATOM   224 N N9    . G   A 1 11 ? -6.107  -2.042  2.078   1.00 76.23  ? 11  G   A N9    1 
ATOM   225 C C8    . G   A 1 11 ? -5.481  -1.748  3.259   1.00 75.18  ? 11  G   A C8    1 
ATOM   226 N N7    . G   A 1 11 ? -5.434  -0.468  3.503   1.00 73.04  ? 11  G   A N7    1 
ATOM   227 C C5    . G   A 1 11 ? -6.066  0.106   2.411   1.00 72.98  ? 11  G   A C5    1 
ATOM   228 C C6    . G   A 1 11 ? -6.324  1.464   2.098   1.00 72.77  ? 11  G   A C6    1 
ATOM   229 O O6    . G   A 1 11 ? -6.013  2.480   2.738   1.00 73.31  ? 11  G   A O6    1 
ATOM   230 N N1    . G   A 1 11 ? -7.015  1.586   0.892   1.00 71.88  ? 11  G   A N1    1 
ATOM   231 C C2    . G   A 1 11 ? -7.394  0.537   0.085   1.00 72.33  ? 11  G   A C2    1 
ATOM   232 N N2    . G   A 1 11 ? -8.088  0.853   -1.032  1.00 70.82  ? 11  G   A N2    1 
ATOM   233 N N3    . G   A 1 11 ? -7.128  -0.723  0.355   1.00 72.02  ? 11  G   A N3    1 
ATOM   234 C C4    . G   A 1 11 ? -6.479  -0.863  1.527   1.00 73.65  ? 11  G   A C4    1 
ATOM   235 P P     . U   A 1 12 ? -5.482  -7.795  3.035   1.00 104.43 ? 12  U   A P     1 
ATOM   236 O OP1   . U   A 1 12 ? -6.950  -7.897  2.757   1.00 103.75 ? 12  U   A OP1   1 
ATOM   237 O OP2   . U   A 1 12 ? -4.984  -7.884  4.434   1.00 103.44 ? 12  U   A OP2   1 
ATOM   238 O "O5'" . U   A 1 12 ? -4.785  -8.924  2.150   1.00 107.07 ? 12  U   A "O5'" 1 
ATOM   239 C "C5'" . U   A 1 12 ? -4.180  -8.606  0.891   1.00 111.86 ? 12  U   A "C5'" 1 
ATOM   240 C "C4'" . U   A 1 12 ? -4.594  -9.613  -0.152  1.00 115.16 ? 12  U   A "C4'" 1 
ATOM   241 O "O4'" . U   A 1 12 ? -4.544  -10.900 0.487   1.00 116.93 ? 12  U   A "O4'" 1 
ATOM   242 C "C3'" . U   A 1 12 ? -6.017  -9.502  -0.685  1.00 117.50 ? 12  U   A "C3'" 1 
ATOM   243 O "O3'" . U   A 1 12 ? -6.050  -8.651  -1.840  1.00 121.04 ? 12  U   A "O3'" 1 
ATOM   244 C "C2'" . U   A 1 12 ? -6.438  -10.940 -0.983  1.00 117.63 ? 12  U   A "C2'" 1 
ATOM   245 O "O2'" . U   A 1 12 ? -6.258  -11.373 -2.313  1.00 118.24 ? 12  U   A "O2'" 1 
ATOM   246 C "C1'" . U   A 1 12 ? -5.535  -11.745 -0.051  1.00 118.01 ? 12  U   A "C1'" 1 
ATOM   247 N N1    . U   A 1 12 ? -6.207  -12.427 1.060   1.00 119.12 ? 12  U   A N1    1 
ATOM   248 C C2    . U   A 1 12 ? -6.639  -13.717 0.827   1.00 119.31 ? 12  U   A C2    1 
ATOM   249 O O2    . U   A 1 12 ? -6.535  -14.258 -0.267  1.00 118.53 ? 12  U   A O2    1 
ATOM   250 N N3    . U   A 1 12 ? -7.196  -14.345 1.917   1.00 119.59 ? 12  U   A N3    1 
ATOM   251 C C4    . U   A 1 12 ? -7.372  -13.810 3.183   1.00 120.08 ? 12  U   A C4    1 
ATOM   252 O O4    . U   A 1 12 ? -7.876  -14.505 4.067   1.00 120.52 ? 12  U   A O4    1 
ATOM   253 C C5    . U   A 1 12 ? -6.925  -12.453 3.330   1.00 120.18 ? 12  U   A C5    1 
ATOM   254 C C6    . U   A 1 12 ? -6.374  -11.822 2.287   1.00 119.53 ? 12  U   A C6    1 
ATOM   255 P P     . A   A 1 13 ? -4.925  -8.796  -3.005  1.00 122.96 ? 13  A   A P     1 
ATOM   256 O OP1   . A   A 1 13 ? -4.175  -10.080 -2.881  1.00 123.15 ? 13  A   A OP1   1 
ATOM   257 O OP2   . A   A 1 13 ? -4.175  -7.504  -3.032  1.00 123.26 ? 13  A   A OP2   1 
ATOM   258 O "O5'" . A   A 1 13 ? -5.748  -8.843  -4.367  1.00 121.60 ? 13  A   A "O5'" 1 
ATOM   259 C "C5'" . A   A 1 13 ? -6.484  -9.997  -4.734  1.00 121.26 ? 13  A   A "C5'" 1 
ATOM   260 C "C4'" . A   A 1 13 ? -7.828  -9.591  -5.282  1.00 121.31 ? 13  A   A "C4'" 1 
ATOM   261 O "O4'" . A   A 1 13 ? -8.808  -9.392  -4.234  1.00 121.41 ? 13  A   A "O4'" 1 
ATOM   262 C "C3'" . A   A 1 13 ? -7.795  -8.262  -5.995  1.00 121.04 ? 13  A   A "C3'" 1 
ATOM   263 O "O3'" . A   A 1 13 ? -7.271  -8.466  -7.278  1.00 120.18 ? 13  A   A "O3'" 1 
ATOM   264 C "C2'" . A   A 1 13 ? -9.250  -7.819  -5.980  1.00 121.20 ? 13  A   A "C2'" 1 
ATOM   265 O "O2'" . A   A 1 13 ? -10.000 -8.339  -7.057  1.00 122.53 ? 13  A   A "O2'" 1 
ATOM   266 C "C1'" . A   A 1 13 ? -9.725  -8.383  -4.634  1.00 120.71 ? 13  A   A "C1'" 1 
ATOM   267 N N9    . A   A 1 13 ? -9.795  -7.398  -3.559  1.00 120.03 ? 13  A   A N9    1 
ATOM   268 C C8    . A   A 1 13 ? -9.142  -7.431  -2.347  1.00 119.60 ? 13  A   A C8    1 
ATOM   269 N N7    . A   A 1 13 ? -9.402  -6.399  -1.582  1.00 119.10 ? 13  A   A N7    1 
ATOM   270 C C5    . A   A 1 13 ? -10.281 -5.637  -2.341  1.00 119.64 ? 13  A   A C5    1 
ATOM   271 C C6    . A   A 1 13 ? -10.917 -4.413  -2.100  1.00 119.66 ? 13  A   A C6    1 
ATOM   272 N N6    . A   A 1 13 ? -10.752 -3.697  -0.984  1.00 118.63 ? 13  A   A N6    1 
ATOM   273 N N1    . A   A 1 13 ? -11.737 -3.932  -3.059  1.00 119.64 ? 13  A   A N1    1 
ATOM   274 C C2    . A   A 1 13 ? -11.890 -4.640  -4.189  1.00 119.77 ? 13  A   A C2    1 
ATOM   275 N N3    . A   A 1 13 ? -11.337 -5.797  -4.537  1.00 119.64 ? 13  A   A N3    1 
ATOM   276 C C4    . A   A 1 13 ? -10.535 -6.246  -3.557  1.00 119.76 ? 13  A   A C4    1 
ATOM   277 P P     . A   A 1 14 ? -5.912  -7.738  -7.675  1.00 121.33 ? 14  A   A P     1 
ATOM   278 O OP1   . A   A 1 14 ? -5.176  -8.614  -8.628  1.00 120.68 ? 14  A   A OP1   1 
ATOM   279 O OP2   . A   A 1 14 ? -5.261  -7.315  -6.406  1.00 121.44 ? 14  A   A OP2   1 
ATOM   280 O "O5'" . A   A 1 14 ? -6.458  -6.451  -8.419  1.00 117.84 ? 14  A   A "O5'" 1 
ATOM   281 C "C5'" . A   A 1 14 ? -7.660  -6.537  -9.157  1.00 113.63 ? 14  A   A "C5'" 1 
ATOM   282 C "C4'" . A   A 1 14 ? -8.546  -5.381  -8.826  1.00 111.47 ? 14  A   A "C4'" 1 
ATOM   283 O "O4'" . A   A 1 14 ? -9.141  -5.548  -7.522  1.00 110.07 ? 14  A   A "O4'" 1 
ATOM   284 C "C3'" . A   A 1 14 ? -7.804  -4.080  -8.662  1.00 110.16 ? 14  A   A "C3'" 1 
ATOM   285 O "O3'" . A   A 1 14 ? -7.473  -3.531  -9.907  1.00 109.63 ? 14  A   A "O3'" 1 
ATOM   286 C "C2'" . A   A 1 14 ? -8.816  -3.231  -7.923  1.00 109.20 ? 14  A   A "C2'" 1 
ATOM   287 O "O2'" . A   A 1 14 ? -9.788  -2.711  -8.803  1.00 107.94 ? 14  A   A "O2'" 1 
ATOM   288 C "C1'" . A   A 1 14 ? -9.422  -4.268  -6.978  1.00 108.78 ? 14  A   A "C1'" 1 
ATOM   289 N N9    . A   A 1 14 ? -8.829  -4.195  -5.648  1.00 108.02 ? 14  A   A N9    1 
ATOM   290 C C8    . A   A 1 14 ? -8.074  -5.135  -4.999  1.00 108.27 ? 14  A   A C8    1 
ATOM   291 N N7    . A   A 1 14 ? -7.704  -4.778  -3.794  1.00 107.89 ? 14  A   A N7    1 
ATOM   292 C C5    . A   A 1 14 ? -8.239  -3.505  -3.644  1.00 106.64 ? 14  A   A C5    1 
ATOM   293 C C6    . A   A 1 14 ? -8.195  -2.572  -2.588  1.00 106.40 ? 14  A   A C6    1 
ATOM   294 N N6    . A   A 1 14 ? -7.555  -2.778  -1.436  1.00 106.23 ? 14  A   A N6    1 
ATOM   295 N N1    . A   A 1 14 ? -8.839  -1.399  -2.765  1.00 106.14 ? 14  A   A N1    1 
ATOM   296 C C2    . A   A 1 14 ? -9.468  -1.185  -3.924  1.00 106.27 ? 14  A   A C2    1 
ATOM   297 N N3    . A   A 1 14 ? -9.572  -1.974  -4.986  1.00 106.97 ? 14  A   A N3    1 
ATOM   298 C C4    . A   A 1 14 ? -8.930  -3.136  -4.779  1.00 107.14 ? 14  A   A C4    1 
ATOM   299 P P     . C   A 1 15 ? -5.980  -3.043  -10.149 1.00 109.17 ? 15  C   A P     1 
ATOM   300 O OP1   . C   A 1 15 ? -5.749  -2.884  -11.612 1.00 109.24 ? 15  C   A OP1   1 
ATOM   301 O OP2   . C   A 1 15 ? -5.123  -3.959  -9.338  1.00 108.00 ? 15  C   A OP2   1 
ATOM   302 O "O5'" . C   A 1 15 ? -5.967  -1.609  -9.477  1.00 105.11 ? 15  C   A "O5'" 1 
ATOM   303 C "C5'" . C   A 1 15 ? -6.912  -0.636  -9.869  1.00 99.25  ? 15  C   A "C5'" 1 
ATOM   304 C "C4'" . C   A 1 15 ? -7.015  0.412   -8.809  1.00 94.87  ? 15  C   A "C4'" 1 
ATOM   305 O "O4'" . C   A 1 15 ? -7.603  -0.162  -7.618  1.00 92.47  ? 15  C   A "O4'" 1 
ATOM   306 C "C3'" . C   A 1 15 ? -5.679  0.903   -8.311  1.00 92.62  ? 15  C   A "C3'" 1 
ATOM   307 O "O3'" . C   A 1 15 ? -5.119  1.848   -9.185  1.00 90.44  ? 15  C   A "O3'" 1 
ATOM   308 C "C2'" . C   A 1 15 ? -6.056  1.506   -6.974  1.00 91.06  ? 15  C   A "C2'" 1 
ATOM   309 O "O2'" . C   A 1 15 ? -6.694  2.757   -7.120  1.00 90.66  ? 15  C   A "O2'" 1 
ATOM   310 C "C1'" . C   A 1 15 ? -7.045  0.461   -6.472  1.00 89.80  ? 15  C   A "C1'" 1 
ATOM   311 N N1    . C   A 1 15 ? -6.386  -0.563  -5.657  1.00 86.68  ? 15  C   A N1    1 
ATOM   312 C C2    . C   A 1 15 ? -6.066  -0.244  -4.345  1.00 86.47  ? 15  C   A C2    1 
ATOM   313 O O2    . C   A 1 15 ? -6.317  0.895   -3.940  1.00 85.52  ? 15  C   A O2    1 
ATOM   314 N N3    . C   A 1 15 ? -5.494  -1.170  -3.550  1.00 86.48  ? 15  C   A N3    1 
ATOM   315 C C4    . C   A 1 15 ? -5.222  -2.382  -4.036  1.00 87.09  ? 15  C   A C4    1 
ATOM   316 N N4    . C   A 1 15 ? -4.656  -3.282  -3.204  1.00 86.54  ? 15  C   A N4    1 
ATOM   317 C C5    . C   A 1 15 ? -5.518  -2.734  -5.391  1.00 86.88  ? 15  C   A C5    1 
ATOM   318 C C6    . C   A 1 15 ? -6.096  -1.803  -6.158  1.00 85.97  ? 15  C   A C6    1 
ATOM   319 P P     . C   A 1 16 ? -3.534  2.005   -9.233  1.00 89.38  ? 16  C   A P     1 
ATOM   320 O OP1   . C   A 1 16 ? -3.184  2.759   -10.466 1.00 89.82  ? 16  C   A OP1   1 
ATOM   321 O OP2   . C   A 1 16 ? -2.977  0.640   -9.000  1.00 87.54  ? 16  C   A OP2   1 
ATOM   322 O "O5'" . C   A 1 16 ? -3.242  2.939   -7.981  1.00 86.91  ? 16  C   A "O5'" 1 
ATOM   323 C "C5'" . C   A 1 16 ? -4.021  4.114   -7.768  1.00 82.32  ? 16  C   A "C5'" 1 
ATOM   324 C "C4'" . C   A 1 16 ? -3.613  4.779   -6.478  1.00 79.90  ? 16  C   A "C4'" 1 
ATOM   325 O "O4'" . C   A 1 16 ? -4.078  4.006   -5.335  1.00 78.80  ? 16  C   A "O4'" 1 
ATOM   326 C "C3'" . C   A 1 16 ? -2.123  4.799   -6.254  1.00 78.99  ? 16  C   A "C3'" 1 
ATOM   327 O "O3'" . C   A 1 16 ? -1.492  5.813   -6.968  1.00 78.97  ? 16  C   A "O3'" 1 
ATOM   328 C "C2'" . C   A 1 16 ? -2.032  5.041   -4.764  1.00 77.61  ? 16  C   A "C2'" 1 
ATOM   329 O "O2'" . C   A 1 16 ? -2.323  6.390   -4.453  1.00 77.97  ? 16  C   A "O2'" 1 
ATOM   330 C "C1'" . C   A 1 16 ? -3.130  4.105   -4.272  1.00 75.88  ? 16  C   A "C1'" 1 
ATOM   331 N N1    . C   A 1 16 ? -2.625  2.754   -3.952  1.00 72.41  ? 16  C   A N1    1 
ATOM   332 C C2    . C   A 1 16 ? -1.941  2.565   -2.751  1.00 72.14  ? 16  C   A C2    1 
ATOM   333 O O2    . C   A 1 16 ? -1.719  3.549   -2.027  1.00 73.83  ? 16  C   A O2    1 
ATOM   334 N N3    . C   A 1 16 ? -1.540  1.309   -2.406  1.00 70.47  ? 16  C   A N3    1 
ATOM   335 C C4    . C   A 1 16 ? -1.779  0.282   -3.228  1.00 71.21  ? 16  C   A C4    1 
ATOM   336 N N4    . C   A 1 16 ? -1.387  -0.946  -2.846  1.00 72.47  ? 16  C   A N4    1 
ATOM   337 C C5    . C   A 1 16 ? -2.434  0.459   -4.475  1.00 71.48  ? 16  C   A C5    1 
ATOM   338 C C6    . C   A 1 16 ? -2.833  1.699   -4.796  1.00 71.77  ? 16  C   A C6    1 
ATOM   339 P P     . C   A 1 17 ? 0.053   5.662   -7.265  1.00 78.77  ? 17  C   A P     1 
ATOM   340 O OP1   . C   A 1 17 ? 0.463   6.815   -8.100  1.00 79.34  ? 17  C   A OP1   1 
ATOM   341 O OP2   . C   A 1 17 ? 0.233   4.265   -7.748  1.00 77.42  ? 17  C   A OP2   1 
ATOM   342 O "O5'" . C   A 1 17 ? 0.714   5.780   -5.825  1.00 77.64  ? 17  C   A "O5'" 1 
ATOM   343 C "C5'" . C   A 1 17 ? 0.662   7.004   -5.105  1.00 75.86  ? 17  C   A "C5'" 1 
ATOM   344 C "C4'" . C   A 1 17 ? 1.579   6.942   -3.905  1.00 73.83  ? 17  C   A "C4'" 1 
ATOM   345 O "O4'" . C   A 1 17 ? 1.046   6.003   -2.933  1.00 72.24  ? 17  C   A "O4'" 1 
ATOM   346 C "C3'" . C   A 1 17 ? 2.970   6.408   -4.173  1.00 73.83  ? 17  C   A "C3'" 1 
ATOM   347 O "O3'" . C   A 1 17 ? 3.828   7.411   -4.653  1.00 74.89  ? 17  C   A "O3'" 1 
ATOM   348 C "C2'" . C   A 1 17 ? 3.398   5.963   -2.789  1.00 72.04  ? 17  C   A "C2'" 1 
ATOM   349 O "O2'" . C   A 1 17 ? 3.743   7.079   -1.989  1.00 73.01  ? 17  C   A "O2'" 1 
ATOM   350 C "C1'" . C   A 1 17 ? 2.109   5.308   -2.303  1.00 70.09  ? 17  C   A "C1'" 1 
ATOM   351 N N1    . C   A 1 17 ? 2.031   3.900   -2.719  1.00 67.29  ? 17  C   A N1    1 
ATOM   352 C C2    . C   A 1 17 ? 2.701   2.944   -1.960  1.00 65.59  ? 17  C   A C2    1 
ATOM   353 O O2    . C   A 1 17 ? 3.382   3.317   -1.005  1.00 65.68  ? 17  C   A O2    1 
ATOM   354 N N3    . C   A 1 17 ? 2.595   1.639   -2.290  1.00 64.46  ? 17  C   A N3    1 
ATOM   355 C C4    . C   A 1 17 ? 1.867   1.280   -3.347  1.00 66.22  ? 17  C   A C4    1 
ATOM   356 N N4    . C   A 1 17 ? 1.772   -0.018  -3.626  1.00 67.72  ? 17  C   A N4    1 
ATOM   357 C C5    . C   A 1 17 ? 1.198   2.239   -4.166  1.00 66.93  ? 17  C   A C5    1 
ATOM   358 C C6    . C   A 1 17 ? 1.309   3.526   -3.819  1.00 67.30  ? 17  C   A C6    1 
ATOM   359 P P     . C   A 1 18 ? 5.124   6.983   -5.481  1.00 74.70  ? 18  C   A P     1 
ATOM   360 O OP1   . C   A 1 18 ? 5.731   8.249   -5.967  1.00 74.89  ? 18  C   A OP1   1 
ATOM   361 O OP2   . C   A 1 18 ? 4.744   5.907   -6.442  1.00 71.11  ? 18  C   A OP2   1 
ATOM   362 O "O5'" . C   A 1 18 ? 6.080   6.333   -4.390  1.00 73.32  ? 18  C   A "O5'" 1 
ATOM   363 C "C5'" . C   A 1 18 ? 6.654   7.132   -3.361  1.00 69.75  ? 18  C   A "C5'" 1 
ATOM   364 C "C4'" . C   A 1 18 ? 7.479   6.272   -2.451  1.00 67.47  ? 18  C   A "C4'" 1 
ATOM   365 O "O4'" . C   A 1 18 ? 6.602   5.302   -1.831  1.00 65.73  ? 18  C   A "O4'" 1 
ATOM   366 C "C3'" . C   A 1 18 ? 8.484   5.379   -3.143  1.00 67.66  ? 18  C   A "C3'" 1 
ATOM   367 O "O3'" . C   A 1 18 ? 9.673   6.043   -3.454  1.00 69.28  ? 18  C   A "O3'" 1 
ATOM   368 C "C2'" . C   A 1 18 ? 8.738   4.330   -2.087  1.00 66.01  ? 18  C   A "C2'" 1 
ATOM   369 O "O2'" . C   A 1 18 ? 9.542   4.799   -1.035  1.00 65.49  ? 18  C   A "O2'" 1 
ATOM   370 C "C1'" . C   A 1 18 ? 7.321   4.104   -1.585  1.00 63.65  ? 18  C   A "C1'" 1 
ATOM   371 N N1    . C   A 1 18 ? 6.704   3.030   -2.351  1.00 61.62  ? 18  C   A N1    1 
ATOM   372 C C2    . C   A 1 18 ? 7.055   1.724   -2.046  1.00 61.34  ? 18  C   A C2    1 
ATOM   373 O O2    . C   A 1 18 ? 7.939   1.522   -1.194  1.00 63.21  ? 18  C   A O2    1 
ATOM   374 N N3    . C   A 1 18 ? 6.445   0.713   -2.694  1.00 59.76  ? 18  C   A N3    1 
ATOM   375 C C4    . C   A 1 18 ? 5.548   0.977   -3.641  1.00 59.79  ? 18  C   A C4    1 
ATOM   376 N N4    . C   A 1 18 ? 4.978   -0.052  -4.256  1.00 59.34  ? 18  C   A N4    1 
ATOM   377 C C5    . C   A 1 18 ? 5.201   2.307   -3.999  1.00 60.46  ? 18  C   A C5    1 
ATOM   378 C C6    . C   A 1 18 ? 5.796   3.295   -3.334  1.00 60.61  ? 18  C   A C6    1 
ATOM   379 P P     . A   A 1 19 ? 10.436  5.649   -4.790  1.00 69.96  ? 19  A   A P     1 
ATOM   380 O OP1   . A   A 1 19 ? 11.428  6.727   -5.021  1.00 69.16  ? 19  A   A OP1   1 
ATOM   381 O OP2   . A   A 1 19 ? 9.384   5.363   -5.795  1.00 69.22  ? 19  A   A OP2   1 
ATOM   382 O "O5'" . A   A 1 19 ? 11.182  4.299   -4.424  1.00 66.34  ? 19  A   A "O5'" 1 
ATOM   383 C "C5'" . A   A 1 19 ? 12.145  4.295   -3.398  1.00 63.60  ? 19  A   A "C5'" 1 
ATOM   384 C "C4'" . A   A 1 19 ? 12.353  2.901   -2.894  1.00 62.73  ? 19  A   A "C4'" 1 
ATOM   385 O "O4'" . A   A 1 19 ? 11.063  2.363   -2.521  1.00 62.04  ? 19  A   A "O4'" 1 
ATOM   386 C "C3'" . A   A 1 19 ? 12.850  1.897   -3.912  1.00 61.34  ? 19  A   A "C3'" 1 
ATOM   387 O "O3'" . A   A 1 19 ? 14.256  1.932   -4.009  1.00 60.49  ? 19  A   A "O3'" 1 
ATOM   388 C "C2'" . A   A 1 19 ? 12.420  0.581   -3.286  1.00 60.19  ? 19  A   A "C2'" 1 
ATOM   389 O "O2'" . A   A 1 19 ? 13.269  0.176   -2.238  1.00 58.84  ? 19  A   A "O2'" 1 
ATOM   390 C "C1'" . A   A 1 19 ? 11.062  0.958   -2.708  1.00 58.93  ? 19  A   A "C1'" 1 
ATOM   391 N N9    . A   A 1 19 ? 9.974   0.603   -3.615  1.00 55.92  ? 19  A   A N9    1 
ATOM   392 C C8    . A   A 1 19 ? 9.100   1.418   -4.285  1.00 55.63  ? 19  A   A C8    1 
ATOM   393 N N7    . A   A 1 19 ? 8.190   0.768   -4.973  1.00 54.70  ? 19  A   A N7    1 
ATOM   394 C C5    . A   A 1 19 ? 8.505   -0.569  -4.760  1.00 51.07  ? 19  A   A C5    1 
ATOM   395 C C6    . A   A 1 19 ? 7.915   -1.770  -5.204  1.00 50.57  ? 19  A   A C6    1 
ATOM   396 N N6    . A   A 1 19 ? 6.833   -1.820  -5.986  1.00 48.03  ? 19  A   A N6    1 
ATOM   397 N N1    . A   A 1 19 ? 8.486   -2.932  -4.808  1.00 51.53  ? 19  A   A N1    1 
ATOM   398 C C2    . A   A 1 19 ? 9.567   -2.878  -4.020  1.00 51.83  ? 19  A   A C2    1 
ATOM   399 N N3    . A   A 1 19 ? 10.205  -1.813  -3.535  1.00 51.42  ? 19  A   A N3    1 
ATOM   400 C C4    . A   A 1 19 ? 9.612   -0.678  -3.942  1.00 52.03  ? 19  A   A C4    1 
ATOM   401 P P     . G   A 1 20 ? 14.974  1.275   -5.276  1.00 60.48  ? 20  G   A P     1 
ATOM   402 O OP1   . G   A 1 20 ? 16.412  1.649   -5.179  1.00 59.32  ? 20  G   A OP1   1 
ATOM   403 O OP2   . G   A 1 20 ? 14.160  1.702   -6.452  1.00 60.13  ? 20  G   A OP2   1 
ATOM   404 O "O5'" . G   A 1 20 ? 14.865  -0.301  -5.051  1.00 57.44  ? 20  G   A "O5'" 1 
ATOM   405 C "C5'" . G   A 1 20 ? 15.740  -0.985  -4.164  1.00 57.72  ? 20  G   A "C5'" 1 
ATOM   406 C "C4'" . G   A 1 20 ? 15.540  -2.468  -4.287  1.00 58.74  ? 20  G   A "C4'" 1 
ATOM   407 O "O4'" . G   A 1 20 ? 14.113  -2.678  -4.433  1.00 60.35  ? 20  G   A "O4'" 1 
ATOM   408 C "C3'" . G   A 1 20 ? 16.173  -2.986  -5.579  1.00 59.89  ? 20  G   A "C3'" 1 
ATOM   409 O "O3'" . G   A 1 20 ? 16.872  -4.229  -5.548  1.00 64.49  ? 20  G   A "O3'" 1 
ATOM   410 C "C2'" . G   A 1 20 ? 15.056  -3.085  -6.600  1.00 60.32  ? 20  G   A "C2'" 1 
ATOM   411 O "O2'" . G   A 1 20 ? 15.143  -4.333  -7.236  1.00 62.42  ? 20  G   A "O2'" 1 
ATOM   412 C "C1'" . G   A 1 20 ? 13.832  -3.204  -5.714  1.00 58.32  ? 20  G   A "C1'" 1 
ATOM   413 N N9    . G   A 1 20 ? 12.551  -2.746  -6.267  1.00 56.11  ? 20  G   A N9    1 
ATOM   414 C C8    . G   A 1 20 ? 12.015  -1.482  -6.320  1.00 56.67  ? 20  G   A C8    1 
ATOM   415 N N7    . G   A 1 20 ? 10.842  -1.454  -6.904  1.00 54.16  ? 20  G   A N7    1 
ATOM   416 C C5    . G   A 1 20 ? 10.590  -2.774  -7.246  1.00 51.18  ? 20  G   A C5    1 
ATOM   417 C C6    . G   A 1 20 ? 9.464   -3.365  -7.888  1.00 52.55  ? 20  G   A C6    1 
ATOM   418 O O6    . G   A 1 20 ? 8.419   -2.811  -8.289  1.00 53.48  ? 20  G   A O6    1 
ATOM   419 N N1    . G   A 1 20 ? 9.633   -4.738  -8.048  1.00 52.01  ? 20  G   A N1    1 
ATOM   420 C C2    . G   A 1 20 ? 10.737  -5.449  -7.651  1.00 54.18  ? 20  G   A C2    1 
ATOM   421 N N2    . G   A 1 20 ? 10.720  -6.786  -7.925  1.00 54.26  ? 20  G   A N2    1 
ATOM   422 N N3    . G   A 1 20 ? 11.779  -4.907  -7.045  1.00 53.49  ? 20  G   A N3    1 
ATOM   423 C C4    . G   A 1 20 ? 11.637  -3.580  -6.872  1.00 52.41  ? 20  G   A C4    1 
ATOM   424 P P     . U   A 1 21 ? 17.843  -4.578  -4.346  1.00 68.42  ? 21  U   A P     1 
ATOM   425 O OP1   . U   A 1 21 ? 18.038  -3.314  -3.610  1.00 66.61  ? 21  U   A OP1   1 
ATOM   426 O OP2   . U   A 1 21 ? 19.014  -5.309  -4.901  1.00 67.54  ? 21  U   A OP2   1 
ATOM   427 O "O5'" . U   A 1 21 ? 16.976  -5.564  -3.454  1.00 70.82  ? 21  U   A "O5'" 1 
ATOM   428 C "C5'" . U   A 1 21 ? 17.237  -5.699  -2.068  1.00 74.06  ? 21  U   A "C5'" 1 
ATOM   429 C "C4'" . U   A 1 21 ? 17.040  -7.122  -1.686  1.00 75.83  ? 21  U   A "C4'" 1 
ATOM   430 O "O4'" . U   A 1 21 ? 15.730  -7.486  -2.161  1.00 78.65  ? 21  U   A "O4'" 1 
ATOM   431 C "C3'" . U   A 1 21 ? 18.011  -8.043  -2.396  1.00 78.35  ? 21  U   A "C3'" 1 
ATOM   432 O "O3'" . U   A 1 21 ? 19.173  -8.225  -1.578  1.00 80.35  ? 21  U   A "O3'" 1 
ATOM   433 C "C2'" . U   A 1 21 ? 17.200  -9.291  -2.751  1.00 79.38  ? 21  U   A "C2'" 1 
ATOM   434 O "O2'" . U   A 1 21 ? 17.304  -10.411 -1.908  1.00 82.08  ? 21  U   A "O2'" 1 
ATOM   435 C "C1'" . U   A 1 21 ? 15.765  -8.770  -2.737  1.00 80.97  ? 21  U   A "C1'" 1 
ATOM   436 N N1    . U   A 1 21 ? 15.116  -8.694  -4.045  1.00 82.67  ? 21  U   A N1    1 
ATOM   437 C C2    . U   A 1 21 ? 14.519  -9.834  -4.540  1.00 83.28  ? 21  U   A C2    1 
ATOM   438 O O2    . U   A 1 21 ? 14.589  -10.921 -3.994  1.00 85.17  ? 21  U   A O2    1 
ATOM   439 N N3    . U   A 1 21 ? 13.835  -9.657  -5.711  1.00 83.48  ? 21  U   A N3    1 
ATOM   440 C C4    . U   A 1 21 ? 13.706  -8.493  -6.428  1.00 84.05  ? 21  U   A C4    1 
ATOM   441 O O4    . U   A 1 21 ? 12.954  -8.470  -7.401  1.00 84.47  ? 21  U   A O4    1 
ATOM   442 C C5    . U   A 1 21 ? 14.402  -7.377  -5.881  1.00 84.42  ? 21  U   A C5    1 
ATOM   443 C C6    . U   A 1 21 ? 15.069  -7.512  -4.735  1.00 83.87  ? 21  U   A C6    1 
ATOM   444 P P     . U   A 1 22 ? 19.053  -8.906  -0.112  1.00 77.68  ? 22  U   A P     1 
ATOM   445 O OP1   . U   A 1 22 ? 20.179  -9.869  0.019   1.00 77.88  ? 22  U   A OP1   1 
ATOM   446 O OP2   . U   A 1 22 ? 17.673  -9.363  0.162   1.00 78.70  ? 22  U   A OP2   1 
ATOM   447 O "O5'" . U   A 1 22 ? 19.298  -7.705  0.903   1.00 74.89  ? 22  U   A "O5'" 1 
ATOM   448 C "C5'" . U   A 1 22 ? 18.376  -7.445  1.959   1.00 70.73  ? 22  U   A "C5'" 1 
ATOM   449 C "C4'" . U   A 1 22 ? 18.522  -6.016  2.397   1.00 68.31  ? 22  U   A "C4'" 1 
ATOM   450 O "O4'" . U   A 1 22 ? 19.881  -5.842  2.835   1.00 68.97  ? 22  U   A "O4'" 1 
ATOM   451 C "C3'" . U   A 1 22 ? 18.304  -5.029  1.269   1.00 70.14  ? 22  U   A "C3'" 1 
ATOM   452 O "O3'" . U   A 1 22 ? 16.958  -4.580  1.338   1.00 72.99  ? 22  U   A "O3'" 1 
ATOM   453 C "C2'" . U   A 1 22 ? 19.395  -3.966  1.412   1.00 68.68  ? 22  U   A "C2'" 1 
ATOM   454 O "O2'" . U   A 1 22 ? 19.005  -2.771  2.056   1.00 70.02  ? 22  U   A "O2'" 1 
ATOM   455 C "C1'" . U   A 1 22 ? 20.443  -4.690  2.258   1.00 68.29  ? 22  U   A "C1'" 1 
ATOM   456 N N1    . U   A 1 22 ? 21.744  -5.065  1.682   1.00 65.82  ? 22  U   A N1    1 
ATOM   457 C C2    . U   A 1 22 ? 22.767  -4.179  1.847   1.00 63.52  ? 22  U   A C2    1 
ATOM   458 O O2    . U   A 1 22 ? 22.587  -3.075  2.296   1.00 63.93  ? 22  U   A O2    1 
ATOM   459 N N3    . U   A 1 22 ? 24.008  -4.635  1.466   1.00 63.19  ? 22  U   A N3    1 
ATOM   460 C C4    . U   A 1 22 ? 24.314  -5.872  0.917   1.00 65.00  ? 22  U   A C4    1 
ATOM   461 O O4    . U   A 1 22 ? 25.495  -6.199  0.765   1.00 66.50  ? 22  U   A O4    1 
ATOM   462 C C5    . U   A 1 22 ? 23.177  -6.708  0.694   1.00 66.06  ? 22  U   A C5    1 
ATOM   463 C C6    . U   A 1 22 ? 21.958  -6.283  1.069   1.00 66.77  ? 22  U   A C6    1 
ATOM   464 P P     . A   A 1 23 ? 16.336  -4.053  2.734   1.00 72.26  ? 23  A   A P     1 
ATOM   465 O OP1   . A   A 1 23 ? 17.281  -3.195  3.491   1.00 73.25  ? 23  A   A OP1   1 
ATOM   466 O OP2   . A   A 1 23 ? 15.708  -5.211  3.397   1.00 74.01  ? 23  A   A OP2   1 
ATOM   467 O "O5'" . A   A 1 23 ? 15.133  -3.147  2.237   1.00 73.08  ? 23  A   A "O5'" 1 
ATOM   468 C "C5'" . A   A 1 23 ? 15.367  -2.153  1.247   1.00 72.55  ? 23  A   A "C5'" 1 
ATOM   469 C "C4'" . A   A 1 23 ? 14.428  -2.313  0.069   1.00 69.84  ? 23  A   A "C4'" 1 
ATOM   470 O "O4'" . A   A 1 23 ? 14.653  -3.546  -0.642  1.00 69.07  ? 23  A   A "O4'" 1 
ATOM   471 C "C3'" . A   A 1 23 ? 12.954  -2.340  0.392   1.00 68.42  ? 23  A   A "C3'" 1 
ATOM   472 O "O3'" . A   A 1 23 ? 12.535  -0.987  0.493   1.00 67.90  ? 23  A   A "O3'" 1 
ATOM   473 C "C2'" . A   A 1 23 ? 12.357  -2.951  -0.864  1.00 69.25  ? 23  A   A "C2'" 1 
ATOM   474 O "O2'" . A   A 1 23 ? 12.157  -1.916  -1.799  1.00 70.75  ? 23  A   A "O2'" 1 
ATOM   475 C "C1'" . A   A 1 23 ? 13.472  -3.893  -1.330  1.00 69.51  ? 23  A   A "C1'" 1 
ATOM   476 N N9    . A   A 1 23 ? 13.220  -5.317  -1.120  1.00 70.91  ? 23  A   A N9    1 
ATOM   477 C C8    . A   A 1 23 ? 13.463  -6.063  0.002   1.00 71.75  ? 23  A   A C8    1 
ATOM   478 N N7    . A   A 1 23 ? 13.142  -7.330  -0.127  1.00 71.46  ? 23  A   A N7    1 
ATOM   479 C C5    . A   A 1 23 ? 12.647  -7.417  -1.416  1.00 70.66  ? 23  A   A C5    1 
ATOM   480 C C6    . A   A 1 23 ? 12.141  -8.484  -2.162  1.00 70.87  ? 23  A   A C6    1 
ATOM   481 N N6    . A   A 1 23 ? 12.057  -9.733  -1.711  1.00 71.63  ? 23  A   A N6    1 
ATOM   482 N N1    . A   A 1 23 ? 11.726  -8.228  -3.414  1.00 70.90  ? 23  A   A N1    1 
ATOM   483 C C2    . A   A 1 23 ? 11.830  -6.985  -3.884  1.00 71.20  ? 23  A   A C2    1 
ATOM   484 N N3    . A   A 1 23 ? 12.294  -5.902  -3.289  1.00 71.70  ? 23  A   A N3    1 
ATOM   485 C C4    . A   A 1 23 ? 12.688  -6.185  -2.041  1.00 71.15  ? 23  A   A C4    1 
ATOM   486 P P     . A   A 1 24 ? 11.736  -0.501  1.794   1.00 70.36  ? 24  A   A P     1 
ATOM   487 O OP1   . A   A 1 24 ? 11.845  -1.598  2.799   1.00 69.87  ? 24  A   A OP1   1 
ATOM   488 O OP2   . A   A 1 24 ? 10.396  -0.038  1.335   1.00 69.85  ? 24  A   A OP2   1 
ATOM   489 O "O5'" . A   A 1 24 ? 12.546  0.769   2.314   1.00 67.26  ? 24  A   A "O5'" 1 
ATOM   490 C "C5'" . A   A 1 24 ? 13.777  0.618   3.008   1.00 67.66  ? 24  A   A "C5'" 1 
ATOM   491 C "C4'" . A   A 1 24 ? 14.309  1.972   3.394   1.00 68.33  ? 24  A   A "C4'" 1 
ATOM   492 O "O4'" . A   A 1 24 ? 14.655  2.730   2.211   1.00 68.18  ? 24  A   A "O4'" 1 
ATOM   493 C "C3'" . A   A 1 24 ? 13.294  2.864   4.065   1.00 70.77  ? 24  A   A "C3'" 1 
ATOM   494 O "O3'" . A   A 1 24 ? 13.180  2.521   5.424   1.00 74.30  ? 24  A   A "O3'" 1 
ATOM   495 C "C2'" . A   A 1 24 ? 13.909  4.236   3.873   1.00 69.87  ? 24  A   A "C2'" 1 
ATOM   496 O "O2'" . A   A 1 24 ? 15.000  4.459   4.732   1.00 72.30  ? 24  A   A "O2'" 1 
ATOM   497 C "C1'" . A   A 1 24 ? 14.451  4.106   2.457   1.00 67.35  ? 24  A   A "C1'" 1 
ATOM   498 N N9    . A   A 1 24 ? 13.538  4.628   1.454   1.00 65.18  ? 24  A   A N9    1 
ATOM   499 C C8    . A   A 1 24 ? 12.633  3.950   0.684   1.00 65.42  ? 24  A   A C8    1 
ATOM   500 N N7    . A   A 1 24 ? 11.957  4.716   -0.135  1.00 64.96  ? 24  A   A N7    1 
ATOM   501 C C5    . A   A 1 24 ? 12.457  5.988   0.111   1.00 65.29  ? 24  A   A C5    1 
ATOM   502 C C6    . A   A 1 24 ? 12.150  7.262   -0.430  1.00 66.79  ? 24  A   A C6    1 
ATOM   503 N N6    . A   A 1 24 ? 11.225  7.485   -1.372  1.00 69.40  ? 24  A   A N6    1 
ATOM   504 N N1    . A   A 1 24 ? 12.834  8.321   0.048   1.00 68.72  ? 24  A   A N1    1 
ATOM   505 C C2    . A   A 1 24 ? 13.746  8.112   1.007   1.00 69.83  ? 24  A   A C2    1 
ATOM   506 N N3    . A   A 1 24 ? 14.113  6.976   1.593   1.00 69.05  ? 24  A   A N3    1 
ATOM   507 C C4    . A   A 1 24 ? 13.426  5.941   1.091   1.00 65.75  ? 24  A   A C4    1 
ATOM   508 P P     . C   A 1 25 ? 11.788  2.767   6.172   1.00 76.68  ? 25  C   A P     1 
ATOM   509 O OP1   . C   A 1 25 ? 11.896  2.219   7.545   1.00 76.10  ? 25  C   A OP1   1 
ATOM   510 O OP2   . C   A 1 25 ? 10.712  2.290   5.266   1.00 76.06  ? 25  C   A OP2   1 
ATOM   511 O "O5'" . C   A 1 25 ? 11.695  4.347   6.270   1.00 74.34  ? 25  C   A "O5'" 1 
ATOM   512 C "C5'" . C   A 1 25 ? 12.725  5.056   6.916   1.00 77.43  ? 25  C   A "C5'" 1 
ATOM   513 C "C4'" . C   A 1 25 ? 12.531  6.524   6.738   1.00 79.16  ? 25  C   A "C4'" 1 
ATOM   514 O "O4'" . C   A 1 25 ? 12.759  6.883   5.356   1.00 80.47  ? 25  C   A "O4'" 1 
ATOM   515 C "C3'" . C   A 1 25 ? 11.110  6.980   6.950   1.00 80.42  ? 25  C   A "C3'" 1 
ATOM   516 O "O3'" . C   A 1 25 ? 10.823  7.066   8.331   1.00 82.26  ? 25  C   A "O3'" 1 
ATOM   517 C "C2'" . C   A 1 25 ? 11.121  8.338   6.260   1.00 80.07  ? 25  C   A "C2'" 1 
ATOM   518 O "O2'" . C   A 1 25 ? 11.725  9.364   7.022   1.00 81.05  ? 25  C   A "O2'" 1 
ATOM   519 C "C1'" . C   A 1 25 ? 11.988  8.035   5.039   1.00 79.57  ? 25  C   A "C1'" 1 
ATOM   520 N N1    . C   A 1 25 ? 11.166  7.748   3.855   1.00 77.71  ? 25  C   A N1    1 
ATOM   521 C C2    . C   A 1 25 ? 10.640  8.824   3.123   1.00 77.64  ? 25  C   A C2    1 
ATOM   522 O O2    . C   A 1 25 ? 10.899  9.986   3.488   1.00 77.20  ? 25  C   A O2    1 
ATOM   523 N N3    . C   A 1 25 ? 9.869   8.573   2.036   1.00 77.28  ? 25  C   A N3    1 
ATOM   524 C C4    . C   A 1 25 ? 9.621   7.312   1.669   1.00 77.55  ? 25  C   A C4    1 
ATOM   525 N N4    . C   A 1 25 ? 8.861   7.117   0.581   1.00 79.25  ? 25  C   A N4    1 
ATOM   526 C C5    . C   A 1 25 ? 10.144  6.197   2.397   1.00 77.30  ? 25  C   A C5    1 
ATOM   527 C C6    . C   A 1 25 ? 10.905  6.460   3.472   1.00 77.73  ? 25  C   A C6    1 
ATOM   528 P P     . A   A 1 26 ? 9.300   7.063   8.814   1.00 82.88  ? 26  A   A P     1 
ATOM   529 O OP1   . A   A 1 26 ? 9.268   7.126   10.302  1.00 83.53  ? 26  A   A OP1   1 
ATOM   530 O OP2   . A   A 1 26 ? 8.678   5.917   8.114   1.00 80.98  ? 26  A   A OP2   1 
ATOM   531 O "O5'" . A   A 1 26 ? 8.733   8.431   8.227   1.00 80.76  ? 26  A   A "O5'" 1 
ATOM   532 C "C5'" . A   A 1 26 ? 7.417   8.525   7.698   1.00 80.21  ? 26  A   A "C5'" 1 
ATOM   533 C "C4'" . A   A 1 26 ? 7.413   9.451   6.505   1.00 80.36  ? 26  A   A "C4'" 1 
ATOM   534 O "O4'" . A   A 1 26 ? 8.036   8.790   5.377   1.00 79.57  ? 26  A   A "O4'" 1 
ATOM   535 C "C3'" . A   A 1 26 ? 6.050   9.850   5.984   1.00 81.71  ? 26  A   A "C3'" 1 
ATOM   536 O "O3'" . A   A 1 26 ? 5.633   10.984  6.705   1.00 85.87  ? 26  A   A "O3'" 1 
ATOM   537 C "C2'" . A   A 1 26 ? 6.343   10.218  4.540   1.00 79.35  ? 26  A   A "C2'" 1 
ATOM   538 O "O2'" . A   A 1 26 ? 6.917   11.501  4.402   1.00 79.97  ? 26  A   A "O2'" 1 
ATOM   539 C "C1'" . A   A 1 26 ? 7.379   9.164   4.178   1.00 76.29  ? 26  A   A "C1'" 1 
ATOM   540 N N9    . A   A 1 26 ? 6.791   7.958   3.606   1.00 71.36  ? 26  A   A N9    1 
ATOM   541 C C8    . A   A 1 26 ? 6.937   6.680   4.069   1.00 70.44  ? 26  A   A C8    1 
ATOM   542 N N7    . A   A 1 26 ? 6.375   5.779   3.307   1.00 69.00  ? 26  A   A N7    1 
ATOM   543 C C5    . A   A 1 26 ? 5.805   6.518   2.286   1.00 67.13  ? 26  A   A C5    1 
ATOM   544 C C6    . A   A 1 26 ? 5.083   6.149   1.144   1.00 66.99  ? 26  A   A C6    1 
ATOM   545 N N6    . A   A 1 26 ? 4.827   4.875   0.816   1.00 67.87  ? 26  A   A N6    1 
ATOM   546 N N1    . A   A 1 26 ? 4.639   7.135   0.335   1.00 65.76  ? 26  A   A N1    1 
ATOM   547 C C2    . A   A 1 26 ? 4.919   8.395   0.660   1.00 65.29  ? 26  A   A C2    1 
ATOM   548 N N3    . A   A 1 26 ? 5.599   8.865   1.694   1.00 66.49  ? 26  A   A N3    1 
ATOM   549 C C4    . A   A 1 26 ? 6.024   7.866   2.475   1.00 67.87  ? 26  A   A C4    1 
ATOM   550 P P     . A   A 1 27 ? 4.160   11.027  7.310   1.00 89.37  ? 27  A   A P     1 
ATOM   551 O OP1   . A   A 1 27 ? 4.087   12.251  8.160   1.00 89.07  ? 27  A   A OP1   1 
ATOM   552 O OP2   . A   A 1 27 ? 3.861   9.679   7.886   1.00 87.82  ? 27  A   A OP2   1 
ATOM   553 O "O5'" . A   A 1 27 ? 3.268   11.255  6.021   1.00 88.69  ? 27  A   A "O5'" 1 
ATOM   554 C "C5'" . A   A 1 27 ? 3.611   12.276  5.099   1.00 88.79  ? 27  A   A "C5'" 1 
ATOM   555 C "C4'" . A   A 1 27 ? 2.900   12.043  3.808   1.00 88.49  ? 27  A   A "C4'" 1 
ATOM   556 O "O4'" . A   A 1 27 ? 3.478   10.901  3.137   1.00 86.88  ? 27  A   A "O4'" 1 
ATOM   557 C "C3'" . A   A 1 27 ? 1.455   11.640  3.979   1.00 88.89  ? 27  A   A "C3'" 1 
ATOM   558 O "O3'" . A   A 1 27 ? 0.647   12.775  4.149   1.00 93.39  ? 27  A   A "O3'" 1 
ATOM   559 C "C2'" . A   A 1 27 ? 1.157   10.968  2.654   1.00 87.06  ? 27  A   A "C2'" 1 
ATOM   560 O "O2'" . A   A 1 27 ? 0.919   11.908  1.629   1.00 88.16  ? 27  A   A "O2'" 1 
ATOM   561 C "C1'" . A   A 1 27 ? 2.474   10.247  2.389   1.00 83.62  ? 27  A   A "C1'" 1 
ATOM   562 N N9    . A   A 1 27 ? 2.427   8.860   2.817   1.00 78.38  ? 27  A   A N9    1 
ATOM   563 C C8    . A   A 1 27 ? 2.878   8.287   3.971   1.00 78.24  ? 27  A   A C8    1 
ATOM   564 N N7    . A   A 1 27 ? 2.744   6.987   3.993   1.00 76.93  ? 27  A   A N7    1 
ATOM   565 C C5    . A   A 1 27 ? 2.145   6.695   2.781   1.00 75.85  ? 27  A   A C5    1 
ATOM   566 C C6    . A   A 1 27 ? 1.755   5.487   2.185   1.00 75.53  ? 27  A   A C6    1 
ATOM   567 N N6    . A   A 1 27 ? 1.933   4.290   2.749   1.00 75.33  ? 27  A   A N6    1 
ATOM   568 N N1    . A   A 1 27 ? 1.180   5.549   0.972   1.00 75.79  ? 27  A   A N1    1 
ATOM   569 C C2    . A   A 1 27 ? 1.022   6.754   0.400   1.00 75.95  ? 27  A   A C2    1 
ATOM   570 N N3    . A   A 1 27 ? 1.358   7.953   0.854   1.00 76.13  ? 27  A   A N3    1 
ATOM   571 C C4    . A   A 1 27 ? 1.921   7.847   2.060   1.00 76.45  ? 27  A   A C4    1 
ATOM   572 P P     . A   A 1 28 ? -0.709  12.649  4.979   1.00 97.25  ? 28  A   A P     1 
ATOM   573 O OP1   . A   A 1 28 ? -0.868  13.960  5.660   1.00 96.54  ? 28  A   A OP1   1 
ATOM   574 O OP2   . A   A 1 28 ? -0.665  11.390  5.776   1.00 97.51  ? 28  A   A OP2   1 
ATOM   575 O "O5'" . A   A 1 28 ? -1.834  12.538  3.858   1.00 98.56  ? 28  A   A "O5'" 1 
ATOM   576 C "C5'" . A   A 1 28 ? -2.185  13.682  3.082   1.00 99.76  ? 28  A   A "C5'" 1 
ATOM   577 C "C4'" . A   A 1 28 ? -3.009  13.269  1.898   1.00 100.60 ? 28  A   A "C4'" 1 
ATOM   578 O "O4'" . A   A 1 28 ? -2.274  12.274  1.149   1.00 100.07 ? 28  A   A "O4'" 1 
ATOM   579 C "C3'" . A   A 1 28 ? -4.317  12.568  2.210   1.00 101.46 ? 28  A   A "C3'" 1 
ATOM   580 O "O3'" . A   A 1 28 ? -5.349  13.505  2.391   1.00 103.70 ? 28  A   A "O3'" 1 
ATOM   581 C "C2'" . A   A 1 28 ? -4.589  11.820  0.918   1.00 100.83 ? 28  A   A "C2'" 1 
ATOM   582 O "O2'" . A   A 1 28 ? -5.104  12.650  -0.097  1.00 102.71 ? 28  A   A "O2'" 1 
ATOM   583 C "C1'" . A   A 1 28 ? -3.185  11.397  0.523   1.00 98.61  ? 28  A   A "C1'" 1 
ATOM   584 N N9    . A   A 1 28 ? -2.935  10.065  1.008   1.00 95.11  ? 28  A   A N9    1 
ATOM   585 C C8    . A   A 1 28 ? -2.721  9.611   2.277   1.00 94.16  ? 28  A   A C8    1 
ATOM   586 N N7    . A   A 1 28 ? -2.490  8.330   2.336   1.00 93.29  ? 28  A   A N7    1 
ATOM   587 C C5    . A   A 1 28 ? -2.571  7.919   1.010   1.00 93.08  ? 28  A   A C5    1 
ATOM   588 C C6    . A   A 1 28 ? -2.419  6.679   0.394   1.00 93.14  ? 28  A   A C6    1 
ATOM   589 N N6    . A   A 1 28 ? -2.143  5.562   1.051   1.00 93.90  ? 28  A   A N6    1 
ATOM   590 N N1    . A   A 1 28 ? -2.563  6.620   -0.949  1.00 92.11  ? 28  A   A N1    1 
ATOM   591 C C2    . A   A 1 28 ? -2.847  7.744   -1.606  1.00 92.02  ? 28  A   A C2    1 
ATOM   592 N N3    . A   A 1 28 ? -3.014  8.965   -1.135  1.00 92.74  ? 28  A   A N3    1 
ATOM   593 C C4    . A   A 1 28 ? -2.856  8.979   0.199   1.00 93.64  ? 28  A   A C4    1 
ATOM   594 P P     . A   A 1 29 ? -6.824  12.983  2.700   1.00 105.06 ? 29  A   A P     1 
ATOM   595 O OP1   . A   A 1 29 ? -7.685  14.203  2.705   1.00 104.62 ? 29  A   A OP1   1 
ATOM   596 O OP2   . A   A 1 29 ? -6.742  12.118  3.905   1.00 104.96 ? 29  A   A OP2   1 
ATOM   597 O "O5'" . A   A 1 29 ? -7.210  12.053  1.461   1.00 102.47 ? 29  A   A "O5'" 1 
ATOM   598 C "C5'" . A   A 1 29 ? -7.853  12.607  0.320   1.00 99.17  ? 29  A   A "C5'" 1 
ATOM   599 C "C4'" . A   A 1 29 ? -8.096  11.543  -0.726  1.00 97.38  ? 29  A   A "C4'" 1 
ATOM   600 O "O4'" . A   A 1 29 ? -6.853  10.850  -0.994  1.00 96.92  ? 29  A   A "O4'" 1 
ATOM   601 C "C3'" . A   A 1 29 ? -9.037  10.396  -0.412  1.00 97.07  ? 29  A   A "C3'" 1 
ATOM   602 O "O3'" . A   A 1 29 ? -10.395 10.726  -0.603  1.00 95.86  ? 29  A   A "O3'" 1 
ATOM   603 C "C2'" . A   A 1 29 ? -8.653  9.399   -1.486  1.00 96.85  ? 29  A   A "C2'" 1 
ATOM   604 O "O2'" . A   A 1 29 ? -9.229  9.730   -2.729  1.00 97.76  ? 29  A   A "O2'" 1 
ATOM   605 C "C1'" . A   A 1 29 ? -7.137  9.573   -1.523  1.00 96.50  ? 29  A   A "C1'" 1 
ATOM   606 N N9    . A   A 1 29 ? -6.532  8.578   -0.649  1.00 96.89  ? 29  A   A N9    1 
ATOM   607 C C8    . A   A 1 29 ? -6.219  8.624   0.687   1.00 97.64  ? 29  A   A C8    1 
ATOM   608 N N7    . A   A 1 29 ? -5.719  7.501   1.142   1.00 97.37  ? 29  A   A N7    1 
ATOM   609 C C5    . A   A 1 29 ? -5.700  6.674   0.030   1.00 96.83  ? 29  A   A C5    1 
ATOM   610 C C6    . A   A 1 29 ? -5.290  5.347   -0.161  1.00 97.41  ? 29  A   A C6    1 
ATOM   611 N N6    . A   A 1 29 ? -4.801  4.580   0.806   1.00 97.97  ? 29  A   A N6    1 
ATOM   612 N N1    . A   A 1 29 ? -5.402  4.826   -1.398  1.00 97.24  ? 29  A   A N1    1 
ATOM   613 C C2    . A   A 1 29 ? -5.896  5.595   -2.373  1.00 97.39  ? 29  A   A C2    1 
ATOM   614 N N3    . A   A 1 29 ? -6.316  6.850   -2.319  1.00 96.79  ? 29  A   A N3    1 
ATOM   615 C C4    . A   A 1 29 ? -6.190  7.331   -1.079  1.00 96.67  ? 29  A   A C4    1 
ATOM   616 P P     . C   A 1 30 ? -11.523 9.699   -0.108  1.00 94.86  ? 30  C   A P     1 
ATOM   617 O OP1   . C   A 1 30 ? -12.840 10.264  -0.456  1.00 96.48  ? 30  C   A OP1   1 
ATOM   618 O OP2   . C   A 1 30 ? -11.225 9.315   1.293   1.00 95.61  ? 30  C   A OP2   1 
ATOM   619 O "O5'" . C   A 1 30 ? -11.331 8.410   -1.008  1.00 92.78  ? 30  C   A "O5'" 1 
ATOM   620 C "C5'" . C   A 1 30 ? -11.705 8.436   -2.366  1.00 90.89  ? 30  C   A "C5'" 1 
ATOM   621 C "C4'" . C   A 1 30 ? -11.349 7.134   -2.989  1.00 90.05  ? 30  C   A "C4'" 1 
ATOM   622 O "O4'" . C   A 1 30 ? -9.973  6.875   -2.636  1.00 90.03  ? 30  C   A "O4'" 1 
ATOM   623 C "C3'" . C   A 1 30 ? -12.085 5.951   -2.399  1.00 89.89  ? 30  C   A "C3'" 1 
ATOM   624 O "O3'" . C   A 1 30 ? -13.331 5.791   -3.047  1.00 89.62  ? 30  C   A "O3'" 1 
ATOM   625 C "C2'" . C   A 1 30 ? -11.129 4.815   -2.714  1.00 89.60  ? 30  C   A "C2'" 1 
ATOM   626 O "O2'" . C   A 1 30 ? -11.177 4.429   -4.073  1.00 89.53  ? 30  C   A "O2'" 1 
ATOM   627 C "C1'" . C   A 1 30 ? -9.788  5.491   -2.445  1.00 88.62  ? 30  C   A "C1'" 1 
ATOM   628 N N1    . C   A 1 30 ? -9.292  5.277   -1.081  1.00 86.61  ? 30  C   A N1    1 
ATOM   629 C C2    . C   A 1 30 ? -8.717  4.053   -0.791  1.00 85.53  ? 30  C   A C2    1 
ATOM   630 O O2    . C   A 1 30 ? -8.696  3.194   -1.679  1.00 85.30  ? 30  C   A O2    1 
ATOM   631 N N3    . C   A 1 30 ? -8.206  3.833   0.440   1.00 84.21  ? 30  C   A N3    1 
ATOM   632 C C4    . C   A 1 30 ? -8.268  4.789   1.366   1.00 84.52  ? 30  C   A C4    1 
ATOM   633 N N4    . C   A 1 30 ? -7.741  4.536   2.559   1.00 82.91  ? 30  C   A N4    1 
ATOM   634 C C5    . C   A 1 30 ? -8.874  6.052   1.103   1.00 85.80  ? 30  C   A C5    1 
ATOM   635 C C6    . C   A 1 30 ? -9.373  6.251   -0.124  1.00 86.38  ? 30  C   A C6    1 
ATOM   636 P P     . A   A 1 31 ? -14.374 4.707   -2.503  1.00 89.55  ? 31  A   A P     1 
ATOM   637 O OP1   . A   A 1 31 ? -15.507 4.691   -3.466  1.00 89.94  ? 31  A   A OP1   1 
ATOM   638 O OP2   . A   A 1 31 ? -14.621 4.953   -1.054  1.00 88.94  ? 31  A   A OP2   1 
ATOM   639 O "O5'" . A   A 1 31 ? -13.606 3.331   -2.667  1.00 87.27  ? 31  A   A "O5'" 1 
ATOM   640 C "C5'" . A   A 1 31 ? -13.573 2.673   -3.918  1.00 86.11  ? 31  A   A "C5'" 1 
ATOM   641 C "C4'" . A   A 1 31 ? -13.262 1.233   -3.688  1.00 86.54  ? 31  A   A "C4'" 1 
ATOM   642 O "O4'" . A   A 1 31 ? -11.990 1.179   -3.010  1.00 85.19  ? 31  A   A "O4'" 1 
ATOM   643 C "C3'" . A   A 1 31 ? -14.231 0.548   -2.735  1.00 87.06  ? 31  A   A "C3'" 1 
ATOM   644 O "O3'" . A   A 1 31 ? -15.297 -0.006  -3.484  1.00 89.53  ? 31  A   A "O3'" 1 
ATOM   645 C "C2'" . A   A 1 31 ? -13.370 -0.533  -2.095  1.00 85.11  ? 31  A   A "C2'" 1 
ATOM   646 O "O2'" . A   A 1 31 ? -13.221 -1.675  -2.918  1.00 86.58  ? 31  A   A "O2'" 1 
ATOM   647 C "C1'" . A   A 1 31 ? -12.024 0.180   -2.006  1.00 81.32  ? 31  A   A "C1'" 1 
ATOM   648 N N9    . A   A 1 31 ? -11.694 0.812   -0.730  1.00 75.88  ? 31  A   A N9    1 
ATOM   649 C C8    . A   A 1 31 ? -11.768 2.139   -0.377  1.00 75.20  ? 31  A   A C8    1 
ATOM   650 N N7    . A   A 1 31 ? -11.240 2.403   0.791   1.00 72.58  ? 31  A   A N7    1 
ATOM   651 C C5    . A   A 1 31 ? -10.827 1.163   1.254   1.00 70.97  ? 31  A   A C5    1 
ATOM   652 C C6    . A   A 1 31 ? -10.169 0.768   2.426   1.00 69.94  ? 31  A   A C6    1 
ATOM   653 N N6    . A   A 1 31 ? -9.760  1.616   3.376   1.00 71.03  ? 31  A   A N6    1 
ATOM   654 N N1    . A   A 1 31 ? -9.928  -0.546  2.591   1.00 70.29  ? 31  A   A N1    1 
ATOM   655 C C2    . A   A 1 31 ? -10.308 -1.396  1.626   1.00 71.28  ? 31  A   A C2    1 
ATOM   656 N N3    . A   A 1 31 ? -10.914 -1.146  0.473   1.00 71.71  ? 31  A   A N3    1 
ATOM   657 C C4    . A   A 1 31 ? -11.145 0.169   0.345   1.00 72.88  ? 31  A   A C4    1 
ATOM   658 P P     . A   A 1 32 ? -16.672 -0.387  -2.760  1.00 90.07  ? 32  A   A P     1 
ATOM   659 O OP1   . A   A 1 32 ? -17.717 0.431   -3.416  1.00 90.51  ? 32  A   A OP1   1 
ATOM   660 O OP2   . A   A 1 32 ? -16.479 -0.298  -1.287  1.00 89.38  ? 32  A   A OP2   1 
ATOM   661 O "O5'" . A   A 1 32 ? -16.879 -1.907  -3.183  1.00 92.14  ? 32  A   A "O5'" 1 
ATOM   662 C "C5'" . A   A 1 32 ? -16.680 -2.334  -4.530  1.00 93.68  ? 32  A   A "C5'" 1 
ATOM   663 C "C4'" . A   A 1 32 ? -16.349 -3.808  -4.547  1.00 95.22  ? 32  A   A "C4'" 1 
ATOM   664 O "O4'" . A   A 1 32 ? -15.018 -4.012  -4.000  1.00 95.41  ? 32  A   A "O4'" 1 
ATOM   665 C "C3'" . A   A 1 32 ? -17.259 -4.652  -3.669  1.00 95.84  ? 32  A   A "C3'" 1 
ATOM   666 O "O3'" . A   A 1 32 ? -18.444 -5.040  -4.365  1.00 96.10  ? 32  A   A "O3'" 1 
ATOM   667 C "C2'" . A   A 1 32 ? -16.363 -5.823  -3.279  1.00 95.07  ? 32  A   A "C2'" 1 
ATOM   668 O "O2'" . A   A 1 32 ? -16.254 -6.770  -4.322  1.00 94.99  ? 32  A   A "O2'" 1 
ATOM   669 C "C1'" . A   A 1 32 ? -15.018 -5.117  -3.111  1.00 94.06  ? 32  A   A "C1'" 1 
ATOM   670 N N9    . A   A 1 32 ? -14.726 -4.599  -1.769  1.00 92.88  ? 32  A   A N9    1 
ATOM   671 C C8    . A   A 1 32 ? -15.102 -3.386  -1.250  1.00 92.48  ? 32  A   A C8    1 
ATOM   672 N N7    . A   A 1 32 ? -14.635 -3.161  -0.046  1.00 92.56  ? 32  A   A N7    1 
ATOM   673 C C5    . A   A 1 32 ? -13.916 -4.307  0.256   1.00 92.14  ? 32  A   A C5    1 
ATOM   674 C C6    . A   A 1 32 ? -13.163 -4.695  1.394   1.00 92.14  ? 32  A   A C6    1 
ATOM   675 N N6    . A   A 1 32 ? -12.975 -3.918  2.474   1.00 92.24  ? 32  A   A N6    1 
ATOM   676 N N1    . A   A 1 32 ? -12.592 -5.918  1.378   1.00 91.71  ? 32  A   A N1    1 
ATOM   677 C C2    . A   A 1 32 ? -12.750 -6.685  0.290   1.00 92.39  ? 32  A   A C2    1 
ATOM   678 N N3    . A   A 1 32 ? -13.414 -6.428  -0.836  1.00 93.16  ? 32  A   A N3    1 
ATOM   679 C C4    . A   A 1 32 ? -13.981 -5.214  -0.791  1.00 92.89  ? 32  A   A C4    1 
ATOM   680 P P     . G   A 1 33 ? -19.890 -4.807  -3.679  1.00 96.22  ? 33  G   A P     1 
ATOM   681 O OP1   . G   A 1 33 ? -20.931 -5.466  -4.527  1.00 95.05  ? 33  G   A OP1   1 
ATOM   682 O OP2   . G   A 1 33 ? -20.009 -3.359  -3.340  1.00 95.50  ? 33  G   A OP2   1 
ATOM   683 O "O5'" . G   A 1 33 ? -19.788 -5.572  -2.288  1.00 92.40  ? 33  G   A "O5'" 1 
ATOM   684 C "C5'" . G   A 1 33 ? -18.930 -5.067  -1.302  1.00 88.19  ? 33  G   A "C5'" 1 
ATOM   685 C "C4'" . G   A 1 33 ? -18.551 -6.139  -0.330  1.00 86.43  ? 33  G   A "C4'" 1 
ATOM   686 O "O4'" . G   A 1 33 ? -17.232 -5.820  0.160   1.00 86.76  ? 33  G   A "O4'" 1 
ATOM   687 C "C3'" . G   A 1 33 ? -19.478 -6.185  0.872   1.00 86.52  ? 33  G   A "C3'" 1 
ATOM   688 O "O3'" . G   A 1 33 ? -20.421 -7.246  0.680   1.00 87.19  ? 33  G   A "O3'" 1 
ATOM   689 C "C2'" . G   A 1 33 ? -18.526 -6.307  2.065   1.00 84.91  ? 33  G   A "C2'" 1 
ATOM   690 O "O2'" . G   A 1 33 ? -18.189 -7.630  2.439   1.00 85.42  ? 33  G   A "O2'" 1 
ATOM   691 C "C1'" . G   A 1 33 ? -17.282 -5.583  1.548   1.00 83.54  ? 33  G   A "C1'" 1 
ATOM   692 N N9    . G   A 1 33 ? -17.282 -4.136  1.736   1.00 79.57  ? 33  G   A N9    1 
ATOM   693 C C8    . G   A 1 33 ? -17.651 -3.181  0.818   1.00 78.43  ? 33  G   A C8    1 
ATOM   694 N N7    . G   A 1 33 ? -17.541 -1.963  1.270   1.00 76.93  ? 33  G   A N7    1 
ATOM   695 C C5    . G   A 1 33 ? -17.067 -2.125  2.563   1.00 77.13  ? 33  G   A C5    1 
ATOM   696 C C6    . G   A 1 33 ? -16.755 -1.162  3.547   1.00 77.50  ? 33  G   A C6    1 
ATOM   697 O O6    . G   A 1 33 ? -16.840 0.065   3.472   1.00 78.14  ? 33  G   A O6    1 
ATOM   698 N N1    . G   A 1 33 ? -16.302 -1.758  4.718   1.00 77.30  ? 33  G   A N1    1 
ATOM   699 C C2    . G   A 1 33 ? -16.162 -3.112  4.905   1.00 77.55  ? 33  G   A C2    1 
ATOM   700 N N2    . G   A 1 33 ? -15.667 -3.490  6.097   1.00 78.61  ? 33  G   A N2    1 
ATOM   701 N N3    . G   A 1 33 ? -16.470 -4.022  3.996   1.00 76.46  ? 33  G   A N3    1 
ATOM   702 C C4    . G   A 1 33 ? -16.907 -3.461  2.859   1.00 77.33  ? 33  G   A C4    1 
HETATM 703 N N1    . PQ0 B 2 .  ? -4.355  -0.127  -1.282  1.00 66.01  ? 34  PQ0 A N1    1 
HETATM 704 C C2    . PQ0 B 2 .  ? -4.438  1.446   -1.118  1.00 66.84  ? 34  PQ0 A C2    1 
HETATM 705 N N3    . PQ0 B 2 .  ? -3.837  1.847   -0.078  1.00 66.39  ? 34  PQ0 A N3    1 
HETATM 706 C C4    . PQ0 B 2 .  ? -3.189  1.173   0.892   1.00 65.20  ? 34  PQ0 A C4    1 
HETATM 707 C C5    . PQ0 B 2 .  ? -3.080  -0.169  0.835   1.00 65.41  ? 34  PQ0 A C5    1 
HETATM 708 C C6    . PQ0 B 2 .  ? -3.730  -0.902  -0.404  1.00 67.32  ? 34  PQ0 A C6    1 
HETATM 709 O O6    . PQ0 B 2 .  ? -3.629  -2.086  -0.440  1.00 71.44  ? 34  PQ0 A O6    1 
HETATM 710 C C7    . PQ0 B 2 .  ? -2.287  -0.752  2.021   1.00 67.24  ? 34  PQ0 A C7    1 
HETATM 711 C C10   . PQ0 B 2 .  ? -2.000  -2.183  2.264   1.00 69.31  ? 34  PQ0 A C10   1 
HETATM 712 N N11   . PQ0 B 2 .  ? -1.783  -3.312  2.393   1.00 74.35  ? 34  PQ0 A N11   1 
HETATM 713 C C8    . PQ0 B 2 .  ? -1.955  0.305   2.771   1.00 67.17  ? 34  PQ0 A C8    1 
HETATM 714 N N9    . PQ0 B 2 .  ? -2.372  1.516   2.288   1.00 64.95  ? 34  PQ0 A N9    1 
HETATM 715 N N2    . PQ0 B 2 .  ? -5.097  2.188   -2.079  1.00 67.61  ? 34  PQ0 A N2    1 
HETATM 716 S S     . SO4 C 3 .  ? -0.650  -3.506  -5.194  0.40 73.49  ? 102 SO4 A S     1 
HETATM 717 O O1    . SO4 C 3 .  ? -1.684  -2.925  -6.067  0.40 72.76  ? 102 SO4 A O1    1 
HETATM 718 O O2    . SO4 C 3 .  ? -1.281  -4.345  -4.159  0.40 73.31  ? 102 SO4 A O2    1 
HETATM 719 O O3    . SO4 C 3 .  ? 0.266   -4.320  -6.009  0.40 74.00  ? 102 SO4 A O3    1 
HETATM 720 O O4    . SO4 C 3 .  ? 0.103   -2.421  -4.544  0.40 73.24  ? 102 SO4 A O4    1 
HETATM 721 S S     . SO4 D 3 .  ? 3.861   0.050   -7.879  0.40 76.68  ? 103 SO4 A S     1 
HETATM 722 O O1    . SO4 D 3 .  ? 3.993   -0.744  -6.646  0.40 76.96  ? 103 SO4 A O1    1 
HETATM 723 O O2    . SO4 D 3 .  ? 2.683   0.932   -7.761  0.40 75.97  ? 103 SO4 A O2    1 
HETATM 724 O O3    . SO4 D 3 .  ? 5.079   0.861   -8.086  0.40 76.55  ? 103 SO4 A O3    1 
HETATM 725 O O4    . SO4 D 3 .  ? 3.685   -0.863  -9.024  0.40 76.91  ? 103 SO4 A O4    1 
# 
